data_1IXO
#
_entry.id   1IXO
#
_cell.length_a   129.8
_cell.length_b   155.9
_cell.length_c   127.4
_cell.angle_alpha   90.00
_cell.angle_beta   90.00
_cell.angle_gamma   90.00
#
_symmetry.space_group_name_H-M   'C 2 2 21'
#
loop_
_entity.id
_entity.type
_entity.pdbx_description
1 polymer "Pyridoxine 5'-Phosphate synthase"
2 non-polymer SN-GLYCEROL-3-PHOSPHATE
3 water water
#
_entity_poly.entity_id   1
_entity_poly.type   'polypeptide(L)'
_entity_poly.pdbx_seq_one_letter_code
;AELLLGVNIDHIATLRNARGTAYPDPVQAAFIAEQAGADGITVHLREDRRHITDRDVRILRQTLDTRMNLEMAVTEEMLA
IAVETKPHFCCLVPEKRQEVTTEGGLDVAGQRDKMRDACKRLADAGIQVSLFIDADEEQIKAAAEVGAPFIEIHTGCYAD
AKTDAEQAQELARIAKAATFAASLGLKVNAGHGLTYHNVKAIAAIPEMHELNIGHAIIGRAVMTGLKDAVAEMKRLMLEA
RG
;
_entity_poly.pdbx_strand_id   A,B,C,D
#
loop_
_chem_comp.id
_chem_comp.type
_chem_comp.name
_chem_comp.formula
G3P non-polymer SN-GLYCEROL-3-PHOSPHATE 'C3 H9 O6 P'
#
# COMPACT_ATOMS: atom_id res chain seq x y z
N ALA A 1 -24.59 3.84 21.81
CA ALA A 1 -24.02 3.65 20.44
C ALA A 1 -22.51 3.91 20.41
N GLU A 2 -21.92 3.74 19.23
CA GLU A 2 -20.49 3.96 19.02
C GLU A 2 -20.06 5.40 19.43
N LEU A 3 -18.85 5.55 19.96
CA LEU A 3 -18.31 6.86 20.31
C LEU A 3 -18.07 7.50 18.94
N LEU A 4 -18.52 8.72 18.71
CA LEU A 4 -18.32 9.32 17.41
C LEU A 4 -17.08 10.21 17.33
N LEU A 5 -16.60 10.44 16.11
CA LEU A 5 -15.44 11.28 15.88
C LEU A 5 -15.87 12.41 14.94
N GLY A 6 -15.69 13.65 15.39
CA GLY A 6 -16.01 14.78 14.55
C GLY A 6 -14.65 15.32 14.17
N VAL A 7 -14.37 15.48 12.88
CA VAL A 7 -13.07 16.00 12.47
C VAL A 7 -13.13 17.49 12.11
N ASN A 8 -12.31 18.29 12.78
CA ASN A 8 -12.28 19.73 12.53
C ASN A 8 -11.24 20.00 11.44
N ILE A 9 -11.71 20.50 10.29
CA ILE A 9 -10.78 20.76 9.17
C ILE A 9 -10.29 22.19 9.02
N ASP A 10 -10.50 23.00 10.05
CA ASP A 10 -10.05 24.40 10.02
C ASP A 10 -8.60 24.51 9.53
N HIS A 11 -7.73 23.65 10.02
CA HIS A 11 -6.33 23.78 9.69
C HIS A 11 -5.91 23.41 8.31
N ILE A 12 -6.82 22.81 7.55
CA ILE A 12 -6.56 22.55 6.15
C ILE A 12 -6.57 23.97 5.55
N ALA A 13 -7.55 24.78 5.97
CA ALA A 13 -7.72 26.15 5.48
C ALA A 13 -6.56 27.06 5.89
N THR A 14 -6.05 26.83 7.10
CA THR A 14 -4.92 27.59 7.62
C THR A 14 -3.76 27.48 6.64
N LEU A 15 -3.49 26.25 6.21
CA LEU A 15 -2.42 25.99 5.28
C LEU A 15 -2.73 26.65 3.95
N ARG A 16 -4.01 26.69 3.58
CA ARG A 16 -4.41 27.30 2.32
C ARG A 16 -4.28 28.82 2.30
N ASN A 17 -4.79 29.48 3.34
CA ASN A 17 -4.79 30.93 3.40
C ASN A 17 -3.41 31.60 3.54
N ALA A 18 -2.38 30.79 3.79
CA ALA A 18 -1.03 31.34 3.90
C ALA A 18 -0.53 31.71 2.50
N ARG A 19 -1.34 31.47 1.46
CA ARG A 19 -0.90 31.75 0.09
C ARG A 19 -1.85 32.40 -0.93
N GLY A 20 -3.15 32.39 -0.69
CA GLY A 20 -4.03 32.99 -1.68
C GLY A 20 -4.47 31.98 -2.75
N THR A 21 -3.73 30.87 -2.84
CA THR A 21 -4.04 29.77 -3.76
C THR A 21 -5.33 29.09 -3.27
N ALA A 22 -5.83 28.11 -4.01
CA ALA A 22 -7.05 27.44 -3.57
C ALA A 22 -6.81 26.10 -2.87
N TYR A 23 -5.56 25.64 -2.86
CA TYR A 23 -5.22 24.36 -2.23
C TYR A 23 -4.35 24.49 -0.96
N PRO A 24 -4.51 23.53 -0.03
CA PRO A 24 -5.43 22.40 -0.13
C PRO A 24 -6.83 22.92 0.14
N ASP A 25 -7.82 22.26 -0.44
CA ASP A 25 -9.24 22.62 -0.32
C ASP A 25 -9.98 21.89 0.80
N PRO A 26 -10.57 22.63 1.75
CA PRO A 26 -11.28 21.98 2.84
C PRO A 26 -12.38 21.05 2.34
N VAL A 27 -12.92 21.32 1.17
CA VAL A 27 -13.98 20.46 0.63
C VAL A 27 -13.46 19.03 0.36
N GLN A 28 -12.22 18.92 -0.11
CA GLN A 28 -11.64 17.60 -0.39
C GLN A 28 -11.40 16.86 0.91
N ALA A 29 -10.72 17.54 1.83
CA ALA A 29 -10.41 17.00 3.14
C ALA A 29 -11.65 16.42 3.82
N ALA A 30 -12.78 17.10 3.70
CA ALA A 30 -14.00 16.60 4.31
C ALA A 30 -14.43 15.23 3.75
N PHE A 31 -14.35 15.07 2.42
CA PHE A 31 -14.71 13.79 1.78
C PHE A 31 -13.80 12.65 2.32
N ILE A 32 -12.50 12.93 2.39
CA ILE A 32 -11.53 11.95 2.86
C ILE A 32 -11.87 11.55 4.28
N ALA A 33 -11.99 12.55 5.16
CA ALA A 33 -12.30 12.29 6.56
C ALA A 33 -13.62 11.54 6.74
N GLU A 34 -14.68 11.95 6.05
CA GLU A 34 -15.95 11.23 6.23
C GLU A 34 -15.88 9.76 5.80
N GLN A 35 -14.96 9.43 4.90
CA GLN A 35 -14.82 8.06 4.44
C GLN A 35 -13.73 7.26 5.16
N ALA A 36 -13.11 7.86 6.16
CA ALA A 36 -12.03 7.22 6.91
C ALA A 36 -12.26 7.14 8.42
N GLY A 37 -13.49 7.30 8.88
CA GLY A 37 -13.75 7.24 10.31
C GLY A 37 -14.44 8.46 10.93
N ALA A 38 -14.53 9.55 10.18
CA ALA A 38 -15.19 10.74 10.71
C ALA A 38 -16.71 10.57 10.63
N ASP A 39 -17.41 10.89 11.68
CA ASP A 39 -18.87 10.79 11.68
C ASP A 39 -19.49 12.18 11.50
N GLY A 40 -18.65 13.19 11.56
CA GLY A 40 -19.13 14.55 11.40
C GLY A 40 -17.94 15.40 11.05
N ILE A 41 -18.21 16.56 10.47
CA ILE A 41 -17.17 17.49 10.10
C ILE A 41 -17.45 18.80 10.82
N THR A 42 -16.39 19.40 11.35
CA THR A 42 -16.46 20.62 12.12
C THR A 42 -15.62 21.74 11.51
N VAL A 43 -16.24 22.91 11.35
CA VAL A 43 -15.54 24.10 10.85
C VAL A 43 -15.84 25.25 11.79
N HIS A 44 -14.85 26.10 11.98
CA HIS A 44 -15.07 27.27 12.83
C HIS A 44 -15.01 28.50 11.94
N LEU A 45 -16.16 29.15 11.79
CA LEU A 45 -16.22 30.36 10.99
C LEU A 45 -15.78 31.50 11.91
N ARG A 46 -14.57 32.03 11.70
CA ARG A 46 -14.10 33.13 12.53
C ARG A 46 -14.48 34.45 11.87
N GLU A 47 -14.80 35.44 12.69
CA GLU A 47 -15.21 36.75 12.18
C GLU A 47 -14.15 37.37 11.26
N ASP A 48 -12.88 37.09 11.55
CA ASP A 48 -11.79 37.59 10.72
C ASP A 48 -11.58 36.67 9.50
N ARG A 49 -12.32 35.56 9.45
CA ARG A 49 -12.21 34.61 8.35
C ARG A 49 -10.77 34.18 8.10
N ARG A 50 -10.04 33.95 9.19
CA ARG A 50 -8.63 33.53 9.16
C ARG A 50 -8.43 32.32 8.24
N HIS A 51 -9.23 31.27 8.46
CA HIS A 51 -9.13 30.07 7.67
C HIS A 51 -10.41 29.74 6.90
N ILE A 52 -11.37 29.13 7.58
CA ILE A 52 -12.61 28.78 6.93
C ILE A 52 -13.33 30.06 6.46
N THR A 53 -13.77 30.05 5.20
CA THR A 53 -14.43 31.21 4.61
C THR A 53 -15.89 30.90 4.33
N ASP A 54 -16.67 31.93 3.95
CA ASP A 54 -18.08 31.76 3.65
C ASP A 54 -18.26 30.77 2.51
N ARG A 55 -17.28 30.73 1.60
CA ARG A 55 -17.35 29.81 0.47
C ARG A 55 -17.29 28.38 0.99
N ASP A 56 -16.32 28.11 1.85
CA ASP A 56 -16.16 26.78 2.40
C ASP A 56 -17.48 26.33 3.00
N VAL A 57 -18.01 27.12 3.93
CA VAL A 57 -19.25 26.72 4.56
C VAL A 57 -20.35 26.52 3.53
N ARG A 58 -20.45 27.44 2.57
CA ARG A 58 -21.47 27.30 1.55
C ARG A 58 -21.33 26.01 0.73
N ILE A 59 -20.11 25.69 0.27
CA ILE A 59 -19.91 24.46 -0.51
C ILE A 59 -20.01 23.21 0.36
N LEU A 60 -19.35 23.24 1.51
CA LEU A 60 -19.36 22.13 2.46
C LEU A 60 -20.81 21.75 2.80
N ARG A 61 -21.65 22.75 3.01
CA ARG A 61 -23.03 22.47 3.36
C ARG A 61 -23.69 21.62 2.28
N GLN A 62 -23.19 21.73 1.06
CA GLN A 62 -23.73 20.97 -0.07
C GLN A 62 -22.99 19.68 -0.40
N THR A 63 -21.77 19.54 0.09
CA THR A 63 -21.02 18.33 -0.23
C THR A 63 -20.83 17.31 0.88
N LEU A 64 -21.08 17.69 2.14
CA LEU A 64 -20.92 16.76 3.25
C LEU A 64 -21.95 15.64 3.17
N ASP A 65 -21.47 14.42 3.39
CA ASP A 65 -22.30 13.24 3.38
C ASP A 65 -22.85 12.96 4.79
N THR A 66 -22.20 13.52 5.81
CA THR A 66 -22.63 13.31 7.19
C THR A 66 -23.29 14.59 7.71
N ARG A 67 -22.74 15.23 8.72
CA ARG A 67 -23.35 16.47 9.15
C ARG A 67 -22.33 17.49 9.59
N MET A 68 -22.70 18.75 9.48
CA MET A 68 -21.81 19.84 9.84
C MET A 68 -21.97 20.32 11.28
N ASN A 69 -20.85 20.65 11.92
CA ASN A 69 -20.89 21.20 13.26
C ASN A 69 -20.22 22.55 13.05
N LEU A 70 -21.02 23.61 13.05
CA LEU A 70 -20.53 24.98 12.85
C LEU A 70 -20.07 25.60 14.17
N GLU A 71 -18.78 25.84 14.31
CA GLU A 71 -18.25 26.45 15.52
C GLU A 71 -18.32 27.95 15.29
N MET A 72 -18.94 28.67 16.21
CA MET A 72 -19.10 30.13 16.07
C MET A 72 -19.26 30.83 17.42
N ALA A 73 -18.99 32.13 17.44
CA ALA A 73 -19.12 32.90 18.68
C ALA A 73 -20.58 33.30 18.77
N VAL A 74 -21.03 33.79 19.92
CA VAL A 74 -22.44 34.17 20.01
C VAL A 74 -22.63 35.64 19.65
N THR A 75 -22.64 35.94 18.35
CA THR A 75 -22.83 37.30 17.89
C THR A 75 -23.97 37.31 16.88
N GLU A 76 -24.62 38.47 16.73
CA GLU A 76 -25.74 38.61 15.81
C GLU A 76 -25.39 38.13 14.42
N GLU A 77 -24.17 38.46 14.00
CA GLU A 77 -23.68 38.06 12.68
C GLU A 77 -23.73 36.55 12.49
N MET A 78 -23.00 35.84 13.35
CA MET A 78 -22.90 34.39 13.30
C MET A 78 -24.25 33.68 13.43
N LEU A 79 -25.07 34.13 14.38
CA LEU A 79 -26.38 33.55 14.58
C LEU A 79 -27.20 33.67 13.30
N ALA A 80 -27.12 34.82 12.66
CA ALA A 80 -27.86 35.02 11.44
C ALA A 80 -27.36 34.01 10.39
N ILE A 81 -26.05 33.84 10.29
CA ILE A 81 -25.48 32.91 9.31
C ILE A 81 -25.89 31.47 9.64
N ALA A 82 -25.83 31.11 10.92
CA ALA A 82 -26.20 29.76 11.33
C ALA A 82 -27.64 29.45 10.89
N VAL A 83 -28.55 30.38 11.17
CA VAL A 83 -29.97 30.21 10.82
C VAL A 83 -30.15 30.00 9.32
N GLU A 84 -29.44 30.78 8.52
CA GLU A 84 -29.51 30.65 7.08
C GLU A 84 -28.91 29.30 6.62
N THR A 85 -27.75 28.94 7.18
CA THR A 85 -27.07 27.69 6.83
C THR A 85 -27.73 26.40 7.29
N LYS A 86 -28.45 26.46 8.42
CA LYS A 86 -29.09 25.28 8.97
C LYS A 86 -28.15 24.10 9.17
N PRO A 87 -27.00 24.33 9.82
CA PRO A 87 -26.03 23.24 10.09
C PRO A 87 -26.79 22.22 10.96
N HIS A 88 -26.32 20.98 11.02
CA HIS A 88 -26.99 20.01 11.87
C HIS A 88 -26.70 20.40 13.31
N PHE A 89 -25.44 20.76 13.56
CA PHE A 89 -25.00 21.13 14.89
C PHE A 89 -24.37 22.48 14.85
N CYS A 90 -24.37 23.13 16.01
CA CYS A 90 -23.80 24.44 16.18
C CYS A 90 -23.09 24.39 17.51
N CYS A 91 -21.82 24.76 17.55
CA CYS A 91 -21.11 24.74 18.81
C CYS A 91 -20.75 26.17 19.16
N LEU A 92 -21.37 26.72 20.19
CA LEU A 92 -21.09 28.11 20.58
C LEU A 92 -19.85 28.20 21.44
N VAL A 93 -18.95 29.09 21.05
CA VAL A 93 -17.69 29.27 21.73
C VAL A 93 -17.39 30.74 22.01
N PRO A 94 -16.34 31.04 22.80
CA PRO A 94 -15.98 32.43 23.10
C PRO A 94 -15.23 33.03 21.92
N GLU A 95 -15.35 34.34 21.75
CA GLU A 95 -14.67 35.07 20.68
C GLU A 95 -13.16 35.15 20.90
N GLU A 103 -10.88 29.06 31.61
CA GLU A 103 -9.86 28.36 30.82
C GLU A 103 -10.13 28.45 29.33
N GLY A 104 -11.24 29.10 28.96
CA GLY A 104 -11.57 29.26 27.57
C GLY A 104 -12.99 28.87 27.20
N GLY A 105 -13.74 28.31 28.14
CA GLY A 105 -15.10 27.93 27.85
C GLY A 105 -16.02 29.13 27.89
N LEU A 106 -17.26 28.96 27.40
CA LEU A 106 -18.27 30.01 27.42
C LEU A 106 -18.69 30.29 28.84
N ASP A 107 -18.99 31.55 29.15
CA ASP A 107 -19.50 31.88 30.46
C ASP A 107 -21.01 31.85 30.31
N VAL A 108 -21.61 30.67 30.46
CA VAL A 108 -23.06 30.56 30.34
C VAL A 108 -23.70 31.07 31.63
N ALA A 109 -23.22 30.56 32.76
CA ALA A 109 -23.77 30.94 34.08
C ALA A 109 -23.88 32.45 34.27
N GLY A 110 -22.98 33.20 33.65
CA GLY A 110 -22.98 34.64 33.77
C GLY A 110 -23.69 35.37 32.65
N GLN A 111 -24.30 34.64 31.73
CA GLN A 111 -24.99 35.26 30.60
C GLN A 111 -26.18 34.38 30.23
N ARG A 112 -26.91 33.92 31.24
CA ARG A 112 -28.04 33.05 31.00
C ARG A 112 -29.05 33.60 29.98
N ASP A 113 -29.32 34.90 30.01
CA ASP A 113 -30.27 35.51 29.07
C ASP A 113 -29.80 35.35 27.63
N LYS A 114 -28.58 35.83 27.36
CA LYS A 114 -27.98 35.76 26.05
C LYS A 114 -27.99 34.33 25.50
N MET A 115 -27.40 33.40 26.26
CA MET A 115 -27.34 32.00 25.85
C MET A 115 -28.71 31.38 25.67
N ARG A 116 -29.66 31.81 26.48
CA ARG A 116 -31.02 31.28 26.41
C ARG A 116 -31.66 31.69 25.08
N ASP A 117 -31.47 32.95 24.71
CA ASP A 117 -32.05 33.45 23.47
C ASP A 117 -31.35 32.80 22.28
N ALA A 118 -30.04 32.64 22.39
CA ALA A 118 -29.24 32.00 21.35
C ALA A 118 -29.72 30.57 21.15
N CYS A 119 -29.83 29.80 22.22
CA CYS A 119 -30.29 28.44 22.07
C CYS A 119 -31.67 28.33 21.43
N LYS A 120 -32.62 29.11 21.94
CA LYS A 120 -33.98 29.08 21.41
C LYS A 120 -34.00 29.40 19.94
N ARG A 121 -33.31 30.49 19.59
CA ARG A 121 -33.23 30.94 18.22
C ARG A 121 -32.70 29.86 17.26
N LEU A 122 -31.56 29.27 17.60
CA LEU A 122 -30.97 28.24 16.78
C LEU A 122 -31.84 26.99 16.77
N ALA A 123 -32.40 26.66 17.91
CA ALA A 123 -33.28 25.51 18.03
C ALA A 123 -34.50 25.70 17.13
N ASP A 124 -34.99 26.95 17.05
CA ASP A 124 -36.13 27.24 16.20
C ASP A 124 -35.74 27.09 14.73
N ALA A 125 -34.44 27.09 14.47
CA ALA A 125 -33.97 26.91 13.10
C ALA A 125 -33.67 25.44 12.81
N GLY A 126 -33.88 24.60 13.81
CA GLY A 126 -33.67 23.17 13.62
C GLY A 126 -32.26 22.74 13.94
N ILE A 127 -31.46 23.68 14.40
CA ILE A 127 -30.08 23.42 14.74
C ILE A 127 -29.93 22.90 16.17
N GLN A 128 -29.27 21.75 16.32
CA GLN A 128 -29.02 21.18 17.65
C GLN A 128 -27.82 21.94 18.23
N VAL A 129 -28.02 22.61 19.36
CA VAL A 129 -26.98 23.43 19.97
C VAL A 129 -26.05 22.79 21.00
N SER A 130 -24.78 23.15 20.92
CA SER A 130 -23.80 22.65 21.87
C SER A 130 -23.08 23.85 22.48
N LEU A 131 -22.96 23.87 23.80
CA LEU A 131 -22.28 24.96 24.49
C LEU A 131 -20.88 24.56 24.89
N PHE A 132 -19.88 25.21 24.31
CA PHE A 132 -18.48 24.91 24.62
C PHE A 132 -18.16 25.45 26.02
N ILE A 133 -17.94 24.55 26.98
CA ILE A 133 -17.68 24.98 28.36
C ILE A 133 -16.57 24.21 29.07
N ASP A 134 -16.10 24.77 30.18
CA ASP A 134 -15.07 24.16 31.03
C ASP A 134 -15.70 23.05 31.86
N ALA A 135 -14.87 22.16 32.41
CA ALA A 135 -15.38 21.08 33.24
C ALA A 135 -15.75 21.70 34.59
N ASP A 136 -16.83 22.46 34.58
CA ASP A 136 -17.34 23.18 35.75
C ASP A 136 -18.84 22.89 35.93
N GLU A 137 -19.24 22.36 37.08
CA GLU A 137 -20.67 22.06 37.24
C GLU A 137 -21.58 23.26 37.26
N GLU A 138 -21.06 24.44 37.58
CA GLU A 138 -21.92 25.61 37.58
C GLU A 138 -22.26 25.89 36.13
N GLN A 139 -21.23 25.95 35.28
CA GLN A 139 -21.45 26.20 33.87
C GLN A 139 -22.33 25.10 33.30
N ILE A 140 -22.04 23.87 33.67
CA ILE A 140 -22.81 22.72 33.18
C ILE A 140 -24.28 22.85 33.59
N LYS A 141 -24.51 23.09 34.87
CA LYS A 141 -25.87 23.24 35.39
C LYS A 141 -26.62 24.32 34.61
N ALA A 142 -25.92 25.42 34.37
CA ALA A 142 -26.49 26.54 33.63
C ALA A 142 -26.82 26.19 32.18
N ALA A 143 -25.94 25.43 31.52
CA ALA A 143 -26.15 25.04 30.13
C ALA A 143 -27.43 24.25 30.01
N ALA A 144 -27.65 23.38 30.98
CA ALA A 144 -28.87 22.57 30.98
C ALA A 144 -30.06 23.53 31.15
N GLU A 145 -29.94 24.44 32.11
CA GLU A 145 -31.01 25.40 32.38
C GLU A 145 -31.33 26.33 31.23
N VAL A 146 -30.32 26.72 30.45
CA VAL A 146 -30.58 27.61 29.34
C VAL A 146 -31.25 26.88 28.18
N GLY A 147 -31.28 25.56 28.23
CA GLY A 147 -31.93 24.79 27.18
C GLY A 147 -31.10 24.10 26.10
N ALA A 148 -29.78 24.17 26.19
CA ALA A 148 -28.93 23.51 25.19
C ALA A 148 -28.97 21.97 25.36
N PRO A 149 -29.16 21.23 24.24
CA PRO A 149 -29.20 19.76 24.28
C PRO A 149 -27.82 19.13 24.44
N PHE A 150 -26.80 19.89 24.09
CA PHE A 150 -25.42 19.43 24.17
C PHE A 150 -24.49 20.45 24.82
N ILE A 151 -23.33 19.94 25.23
CA ILE A 151 -22.23 20.74 25.75
C ILE A 151 -20.99 20.01 25.23
N GLU A 152 -19.87 20.71 25.20
CA GLU A 152 -18.63 20.09 24.80
C GLU A 152 -17.63 20.48 25.88
N ILE A 153 -17.22 19.53 26.69
CA ILE A 153 -16.27 19.86 27.73
C ILE A 153 -14.92 20.23 27.12
N HIS A 154 -14.33 21.28 27.66
CA HIS A 154 -13.05 21.76 27.19
C HIS A 154 -11.93 20.85 27.71
N THR A 155 -11.33 20.09 26.82
CA THR A 155 -10.27 19.15 27.19
C THR A 155 -8.90 19.80 27.09
N GLY A 156 -8.89 21.12 26.91
CA GLY A 156 -7.63 21.84 26.79
C GLY A 156 -6.70 21.76 27.99
N CYS A 157 -7.19 22.04 29.19
CA CYS A 157 -6.32 22.00 30.37
C CYS A 157 -5.77 20.58 30.58
N TYR A 158 -6.60 19.58 30.28
CA TYR A 158 -6.19 18.19 30.39
C TYR A 158 -5.04 17.90 29.42
N ALA A 159 -5.10 18.53 28.24
CA ALA A 159 -4.07 18.34 27.22
C ALA A 159 -2.76 19.04 27.56
N ASP A 160 -2.84 20.23 28.15
CA ASP A 160 -1.66 20.98 28.52
C ASP A 160 -1.07 20.53 29.85
N ALA A 161 -1.62 19.48 30.43
CA ALA A 161 -1.12 18.98 31.71
C ALA A 161 0.40 18.81 31.68
N LYS A 162 1.09 19.60 32.49
CA LYS A 162 2.55 19.56 32.55
C LYS A 162 3.12 18.41 33.38
N THR A 163 2.28 17.80 34.22
CA THR A 163 2.68 16.68 35.06
C THR A 163 1.64 15.57 34.97
N ASP A 164 2.06 14.31 35.06
CA ASP A 164 1.12 13.20 35.01
C ASP A 164 0.02 13.43 36.04
N ALA A 165 0.39 14.12 37.13
CA ALA A 165 -0.53 14.42 38.20
C ALA A 165 -1.55 15.44 37.76
N GLU A 166 -1.10 16.57 37.24
CA GLU A 166 -2.03 17.60 36.79
C GLU A 166 -3.00 16.94 35.82
N GLN A 167 -2.46 16.04 35.00
CA GLN A 167 -3.25 15.34 34.02
C GLN A 167 -4.31 14.46 34.65
N ALA A 168 -3.89 13.55 35.53
CA ALA A 168 -4.83 12.65 36.19
C ALA A 168 -5.93 13.47 36.84
N GLN A 169 -5.53 14.57 37.46
CA GLN A 169 -6.47 15.45 38.12
C GLN A 169 -7.43 16.11 37.13
N GLU A 170 -6.90 16.50 35.97
CA GLU A 170 -7.75 17.13 34.95
C GLU A 170 -8.73 16.12 34.34
N LEU A 171 -8.27 14.89 34.19
CA LEU A 171 -9.07 13.80 33.64
C LEU A 171 -10.27 13.56 34.56
N ALA A 172 -9.96 13.32 35.84
CA ALA A 172 -10.97 13.05 36.85
C ALA A 172 -12.01 14.15 36.85
N ARG A 173 -11.56 15.37 36.64
CA ARG A 173 -12.46 16.51 36.64
C ARG A 173 -13.38 16.53 35.41
N ILE A 174 -12.89 16.02 34.29
CA ILE A 174 -13.71 16.00 33.08
C ILE A 174 -14.73 14.90 33.26
N ALA A 175 -14.24 13.75 33.72
CA ALA A 175 -15.08 12.59 33.96
C ALA A 175 -16.24 12.89 34.91
N LYS A 176 -15.99 13.53 36.04
CA LYS A 176 -17.07 13.84 36.98
C LYS A 176 -18.04 14.83 36.35
N ALA A 177 -17.47 15.77 35.61
CA ALA A 177 -18.26 16.80 34.96
C ALA A 177 -19.18 16.13 33.95
N ALA A 178 -18.62 15.18 33.21
CA ALA A 178 -19.38 14.45 32.21
C ALA A 178 -20.57 13.71 32.85
N THR A 179 -20.29 13.02 33.96
CA THR A 179 -21.33 12.28 34.66
C THR A 179 -22.39 13.23 35.20
N PHE A 180 -21.94 14.39 35.69
CA PHE A 180 -22.90 15.35 36.20
C PHE A 180 -23.74 15.87 35.04
N ALA A 181 -23.08 16.15 33.91
CA ALA A 181 -23.77 16.63 32.72
C ALA A 181 -24.87 15.66 32.28
N ALA A 182 -24.52 14.38 32.14
CA ALA A 182 -25.47 13.35 31.72
C ALA A 182 -26.67 13.27 32.66
N SER A 183 -26.44 13.35 33.97
CA SER A 183 -27.56 13.27 34.91
C SER A 183 -28.57 14.42 34.72
N LEU A 184 -28.11 15.54 34.16
CA LEU A 184 -29.00 16.67 33.92
C LEU A 184 -29.68 16.51 32.57
N GLY A 185 -29.40 15.40 31.90
CA GLY A 185 -30.01 15.17 30.61
C GLY A 185 -29.21 15.66 29.40
N LEU A 186 -28.03 16.23 29.62
CA LEU A 186 -27.22 16.72 28.50
C LEU A 186 -26.42 15.60 27.75
N LYS A 187 -26.31 15.72 26.43
CA LYS A 187 -25.50 14.78 25.67
C LYS A 187 -24.14 15.47 25.80
N VAL A 188 -23.07 14.72 26.04
CA VAL A 188 -21.78 15.38 26.23
C VAL A 188 -20.63 15.03 25.28
N ASN A 189 -20.08 16.07 24.65
CA ASN A 189 -18.96 15.96 23.71
C ASN A 189 -17.73 16.55 24.40
N ALA A 190 -16.58 16.41 23.75
CA ALA A 190 -15.33 16.91 24.31
C ALA A 190 -14.39 17.11 23.16
N GLY A 191 -13.47 18.06 23.33
CA GLY A 191 -12.51 18.34 22.30
C GLY A 191 -11.64 19.51 22.71
N HIS A 192 -10.63 19.77 21.89
CA HIS A 192 -9.63 20.82 22.06
C HIS A 192 -8.38 20.19 22.61
N GLY A 193 -7.34 20.18 21.80
CA GLY A 193 -6.08 19.64 22.23
C GLY A 193 -5.93 18.14 22.33
N LEU A 194 -6.94 17.38 21.92
CA LEU A 194 -6.80 15.92 22.01
C LEU A 194 -5.78 15.41 21.01
N THR A 195 -4.97 14.44 21.41
CA THR A 195 -3.93 13.92 20.51
C THR A 195 -3.91 12.38 20.42
N TYR A 196 -3.06 11.82 19.56
CA TYR A 196 -2.99 10.38 19.44
C TYR A 196 -2.47 9.74 20.74
N HIS A 197 -1.82 10.54 21.60
CA HIS A 197 -1.33 9.98 22.85
C HIS A 197 -2.20 10.26 24.08
N ASN A 198 -3.16 11.18 23.97
CA ASN A 198 -4.00 11.41 25.12
C ASN A 198 -5.49 11.17 24.85
N VAL A 199 -5.83 10.75 23.64
CA VAL A 199 -7.25 10.57 23.36
C VAL A 199 -7.92 9.41 24.13
N LYS A 200 -7.21 8.31 24.31
CA LYS A 200 -7.78 7.16 24.98
C LYS A 200 -8.46 7.38 26.32
N ALA A 201 -7.77 8.03 27.27
CA ALA A 201 -8.36 8.28 28.58
C ALA A 201 -9.70 9.02 28.48
N ILE A 202 -9.82 9.93 27.50
CA ILE A 202 -11.06 10.70 27.32
C ILE A 202 -12.15 9.84 26.63
N ALA A 203 -11.74 9.07 25.63
CA ALA A 203 -12.68 8.20 24.90
C ALA A 203 -13.28 7.11 25.81
N ALA A 204 -12.50 6.70 26.81
CA ALA A 204 -12.95 5.69 27.77
C ALA A 204 -14.09 6.19 28.67
N ILE A 205 -14.23 7.51 28.79
CA ILE A 205 -15.28 8.12 29.60
C ILE A 205 -16.61 7.76 28.92
N PRO A 206 -17.44 6.93 29.58
CA PRO A 206 -18.73 6.45 29.07
C PRO A 206 -19.75 7.45 28.57
N GLU A 207 -19.90 8.56 29.27
CA GLU A 207 -20.91 9.54 28.89
C GLU A 207 -20.60 10.32 27.62
N MET A 208 -19.36 10.22 27.12
CA MET A 208 -18.97 10.95 25.92
C MET A 208 -19.72 10.46 24.69
N HIS A 209 -20.25 11.40 23.94
CA HIS A 209 -21.01 11.12 22.71
C HIS A 209 -20.08 11.29 21.48
N GLU A 210 -19.46 12.46 21.34
CA GLU A 210 -18.59 12.71 20.22
C GLU A 210 -17.37 13.54 20.62
N LEU A 211 -16.20 13.17 20.11
CA LEU A 211 -14.98 13.93 20.36
C LEU A 211 -14.75 14.74 19.09
N ASN A 212 -14.37 16.00 19.24
CA ASN A 212 -14.11 16.85 18.10
C ASN A 212 -12.61 17.10 18.14
N ILE A 213 -11.93 16.64 17.10
CA ILE A 213 -10.48 16.75 17.03
C ILE A 213 -10.05 17.37 15.74
N GLY A 214 -9.16 18.35 15.84
CA GLY A 214 -8.68 19.02 14.65
C GLY A 214 -7.18 18.99 14.43
N HIS A 215 -6.48 19.93 15.05
CA HIS A 215 -5.05 20.06 14.88
C HIS A 215 -4.20 18.79 14.87
N ALA A 216 -4.31 17.95 15.90
CA ALA A 216 -3.46 16.75 15.94
C ALA A 216 -3.60 15.90 14.69
N ILE A 217 -4.82 15.83 14.18
CA ILE A 217 -5.08 15.04 13.00
C ILE A 217 -4.44 15.66 11.76
N ILE A 218 -4.58 16.97 11.59
CA ILE A 218 -3.99 17.62 10.42
C ILE A 218 -2.48 17.52 10.52
N GLY A 219 -1.97 17.58 11.75
CA GLY A 219 -0.54 17.49 11.98
C GLY A 219 0.01 16.13 11.65
N ARG A 220 -0.80 15.09 11.85
CA ARG A 220 -0.37 13.76 11.50
C ARG A 220 -0.55 13.60 9.97
N ALA A 221 -1.56 14.26 9.42
CA ALA A 221 -1.85 14.17 8.00
C ALA A 221 -0.72 14.65 7.09
N VAL A 222 -0.09 15.78 7.39
CA VAL A 222 0.98 16.22 6.50
C VAL A 222 2.06 15.17 6.40
N MET A 223 2.11 14.24 7.34
CA MET A 223 3.14 13.20 7.26
C MET A 223 2.59 11.98 6.55
N THR A 224 1.53 11.40 7.13
CA THR A 224 0.92 10.19 6.65
C THR A 224 -0.29 10.32 5.72
N GLY A 225 -0.79 11.53 5.50
CA GLY A 225 -1.98 11.68 4.66
C GLY A 225 -3.21 11.61 5.56
N LEU A 226 -4.24 12.41 5.24
CA LEU A 226 -5.48 12.53 5.99
C LEU A 226 -6.22 11.23 6.32
N LYS A 227 -6.40 10.37 5.33
CA LYS A 227 -7.12 9.12 5.53
C LYS A 227 -6.59 8.26 6.68
N ASP A 228 -5.29 7.96 6.67
CA ASP A 228 -4.72 7.15 7.74
C ASP A 228 -4.74 7.93 9.03
N ALA A 229 -4.69 9.26 8.94
CA ALA A 229 -4.70 10.05 10.17
C ALA A 229 -6.06 9.99 10.89
N VAL A 230 -7.13 9.97 10.10
CA VAL A 230 -8.47 9.91 10.67
C VAL A 230 -8.76 8.50 11.15
N ALA A 231 -8.41 7.51 10.33
CA ALA A 231 -8.64 6.12 10.68
C ALA A 231 -7.89 5.76 11.96
N GLU A 232 -6.65 6.19 12.06
CA GLU A 232 -5.84 5.93 13.24
C GLU A 232 -6.56 6.42 14.50
N MET A 233 -7.05 7.66 14.44
CA MET A 233 -7.76 8.28 15.55
C MET A 233 -9.03 7.51 15.91
N LYS A 234 -9.87 7.20 14.92
CA LYS A 234 -11.07 6.46 15.21
C LYS A 234 -10.74 5.13 15.91
N ARG A 235 -9.72 4.44 15.39
CA ARG A 235 -9.30 3.17 15.95
C ARG A 235 -8.88 3.27 17.43
N LEU A 236 -8.10 4.29 17.77
CA LEU A 236 -7.67 4.46 19.15
C LEU A 236 -8.89 4.73 20.00
N MET A 237 -9.85 5.47 19.43
CA MET A 237 -11.06 5.79 20.16
C MET A 237 -11.90 4.58 20.44
N LEU A 238 -12.06 3.69 19.46
CA LEU A 238 -12.87 2.49 19.69
C LEU A 238 -12.10 1.50 20.56
N GLU A 239 -10.78 1.50 20.50
CA GLU A 239 -10.04 0.59 21.38
C GLU A 239 -10.30 0.98 22.84
N ALA A 240 -10.35 2.28 23.12
CA ALA A 240 -10.56 2.75 24.48
C ALA A 240 -11.92 2.31 24.99
N ARG A 241 -12.93 2.34 24.13
CA ARG A 241 -14.26 1.93 24.55
C ARG A 241 -14.34 0.41 24.75
N GLY A 242 -13.52 -0.33 24.00
CA GLY A 242 -13.52 -1.77 24.07
C GLY A 242 -12.89 -2.33 25.33
N ALA B 1 24.93 -2.55 -21.95
CA ALA B 1 24.38 -1.20 -21.60
C ALA B 1 23.40 -1.25 -20.41
N GLU B 2 23.09 -2.48 -19.96
CA GLU B 2 22.16 -2.67 -18.84
C GLU B 2 22.85 -2.86 -17.48
N LEU B 3 22.91 -1.78 -16.71
CA LEU B 3 23.54 -1.74 -15.37
C LEU B 3 22.89 -2.72 -14.41
N LEU B 4 23.69 -3.51 -13.74
CA LEU B 4 23.14 -4.46 -12.78
C LEU B 4 23.35 -3.93 -11.37
N LEU B 5 22.54 -4.40 -10.43
CA LEU B 5 22.66 -3.99 -9.03
C LEU B 5 23.02 -5.22 -8.23
N GLY B 6 24.02 -5.10 -7.38
CA GLY B 6 24.40 -6.20 -6.52
C GLY B 6 24.22 -5.68 -5.10
N VAL B 7 23.29 -6.27 -4.35
CA VAL B 7 23.05 -5.82 -2.99
C VAL B 7 23.92 -6.59 -1.99
N ASN B 8 24.63 -5.85 -1.16
CA ASN B 8 25.47 -6.46 -0.14
C ASN B 8 24.65 -6.54 1.14
N ILE B 9 24.37 -7.76 1.58
CA ILE B 9 23.53 -7.90 2.77
C ILE B 9 24.32 -8.05 4.06
N ASP B 10 25.61 -7.72 4.01
CA ASP B 10 26.45 -7.82 5.20
C ASP B 10 25.79 -7.20 6.43
N HIS B 11 25.34 -5.96 6.33
CA HIS B 11 24.79 -5.32 7.52
C HIS B 11 23.51 -5.83 8.09
N ILE B 12 22.87 -6.77 7.40
CA ILE B 12 21.68 -7.41 7.92
C ILE B 12 22.25 -8.27 9.06
N ALA B 13 23.35 -8.97 8.76
CA ALA B 13 24.02 -9.82 9.73
C ALA B 13 24.65 -9.05 10.88
N THR B 14 25.12 -7.83 10.62
CA THR B 14 25.72 -7.11 11.73
C THR B 14 24.64 -6.82 12.75
N LEU B 15 23.46 -6.46 12.25
CA LEU B 15 22.33 -6.18 13.12
C LEU B 15 21.97 -7.42 13.94
N ARG B 16 22.04 -8.59 13.33
CA ARG B 16 21.71 -9.84 14.02
C ARG B 16 22.73 -10.19 15.09
N ASN B 17 24.00 -10.10 14.71
CA ASN B 17 25.10 -10.45 15.59
C ASN B 17 25.29 -9.52 16.77
N ALA B 18 24.47 -8.47 16.82
CA ALA B 18 24.53 -7.52 17.93
C ALA B 18 23.73 -8.13 19.10
N ARG B 19 23.09 -9.27 18.85
CA ARG B 19 22.25 -9.88 19.86
C ARG B 19 22.46 -11.37 20.06
N GLY B 20 22.88 -12.08 19.02
CA GLY B 20 23.07 -13.51 19.19
C GLY B 20 21.83 -14.35 18.93
N THR B 21 20.74 -13.72 18.49
CA THR B 21 19.51 -14.45 18.15
C THR B 21 19.65 -14.77 16.65
N ALA B 22 18.64 -15.39 16.06
CA ALA B 22 18.74 -15.72 14.66
C ALA B 22 18.32 -14.58 13.70
N TYR B 23 17.53 -13.62 14.18
CA TYR B 23 17.04 -12.52 13.36
C TYR B 23 17.79 -11.20 13.54
N PRO B 24 17.85 -10.38 12.48
CA PRO B 24 17.27 -10.65 11.17
C PRO B 24 18.17 -11.63 10.41
N ASP B 25 17.58 -12.50 9.63
CA ASP B 25 18.33 -13.53 8.89
C ASP B 25 18.70 -13.11 7.47
N PRO B 26 20.01 -13.09 7.15
CA PRO B 26 20.46 -12.70 5.81
C PRO B 26 19.76 -13.46 4.68
N VAL B 27 19.43 -14.71 4.93
CA VAL B 27 18.76 -15.53 3.92
C VAL B 27 17.42 -14.92 3.52
N GLN B 28 16.74 -14.28 4.47
CA GLN B 28 15.46 -13.66 4.14
C GLN B 28 15.77 -12.41 3.31
N ALA B 29 16.72 -11.60 3.78
CA ALA B 29 17.11 -10.39 3.06
C ALA B 29 17.46 -10.64 1.59
N ALA B 30 18.11 -11.76 1.30
CA ALA B 30 18.47 -12.08 -0.09
C ALA B 30 17.24 -12.33 -0.95
N PHE B 31 16.30 -13.13 -0.45
CA PHE B 31 15.08 -13.39 -1.21
C PHE B 31 14.37 -12.07 -1.58
N ILE B 32 14.31 -11.15 -0.63
CA ILE B 32 13.64 -9.87 -0.85
C ILE B 32 14.35 -9.03 -1.92
N ALA B 33 15.66 -8.85 -1.75
CA ALA B 33 16.47 -8.08 -2.67
C ALA B 33 16.43 -8.64 -4.11
N GLU B 34 16.62 -9.94 -4.25
CA GLU B 34 16.60 -10.57 -5.57
C GLU B 34 15.30 -10.35 -6.31
N GLN B 35 14.24 -10.08 -5.55
CA GLN B 35 12.94 -9.88 -6.15
C GLN B 35 12.51 -8.42 -6.22
N ALA B 36 13.42 -7.53 -5.84
CA ALA B 36 13.11 -6.10 -5.85
C ALA B 36 14.11 -5.28 -6.67
N GLY B 37 14.93 -5.94 -7.48
CA GLY B 37 15.89 -5.21 -8.29
C GLY B 37 17.33 -5.65 -8.22
N ALA B 38 17.65 -6.59 -7.32
CA ALA B 38 19.04 -7.03 -7.23
C ALA B 38 19.31 -8.12 -8.26
N ASP B 39 20.45 -8.02 -8.92
CA ASP B 39 20.84 -8.99 -9.94
C ASP B 39 21.85 -9.96 -9.35
N GLY B 40 22.31 -9.66 -8.15
CA GLY B 40 23.27 -10.51 -7.47
C GLY B 40 23.28 -10.12 -6.00
N ILE B 41 23.79 -11.00 -5.16
CA ILE B 41 23.87 -10.75 -3.74
C ILE B 41 25.33 -10.87 -3.33
N THR B 42 25.81 -9.89 -2.57
CA THR B 42 27.20 -9.90 -2.14
C THR B 42 27.25 -10.09 -0.64
N VAL B 43 28.18 -10.92 -0.19
CA VAL B 43 28.40 -11.14 1.21
C VAL B 43 29.91 -11.16 1.38
N HIS B 44 30.40 -10.52 2.43
CA HIS B 44 31.81 -10.50 2.71
C HIS B 44 32.05 -11.42 3.89
N LEU B 45 32.81 -12.48 3.67
CA LEU B 45 33.10 -13.43 4.74
C LEU B 45 34.42 -12.97 5.37
N ARG B 46 34.31 -12.30 6.51
CA ARG B 46 35.49 -11.81 7.21
C ARG B 46 36.08 -12.88 8.11
N GLU B 47 37.41 -12.87 8.25
CA GLU B 47 38.10 -13.86 9.08
C GLU B 47 37.54 -13.92 10.49
N ASP B 48 37.25 -12.73 11.01
CA ASP B 48 36.67 -12.64 12.31
C ASP B 48 35.18 -13.02 12.33
N ARG B 49 34.58 -13.25 11.18
CA ARG B 49 33.21 -13.76 11.29
C ARG B 49 32.21 -12.75 11.79
N ARG B 50 32.68 -11.57 12.18
CA ARG B 50 31.81 -10.57 12.75
C ARG B 50 30.37 -10.63 12.22
N HIS B 51 30.13 -10.31 10.96
CA HIS B 51 28.73 -10.32 10.53
C HIS B 51 28.35 -11.60 9.78
N ILE B 52 28.62 -11.71 8.49
CA ILE B 52 28.30 -12.90 7.70
C ILE B 52 29.07 -14.12 8.23
N THR B 53 28.38 -15.23 8.41
CA THR B 53 29.04 -16.45 8.92
C THR B 53 29.05 -17.59 7.92
N ASP B 54 29.78 -18.64 8.27
CA ASP B 54 29.88 -19.82 7.42
C ASP B 54 28.49 -20.38 7.13
N ARG B 55 27.63 -20.43 8.14
CA ARG B 55 26.27 -20.92 7.96
C ARG B 55 25.59 -20.08 6.89
N ASP B 56 25.71 -18.76 7.02
CA ASP B 56 25.13 -17.83 6.08
C ASP B 56 25.56 -18.20 4.66
N VAL B 57 26.86 -18.24 4.43
CA VAL B 57 27.38 -18.56 3.12
C VAL B 57 26.89 -19.90 2.64
N ARG B 58 26.84 -20.88 3.53
CA ARG B 58 26.39 -22.21 3.13
C ARG B 58 24.91 -22.26 2.70
N ILE B 59 24.04 -21.64 3.46
CA ILE B 59 22.63 -21.64 3.09
C ILE B 59 22.39 -20.70 1.89
N LEU B 60 22.99 -19.52 1.93
CA LEU B 60 22.83 -18.57 0.85
C LEU B 60 23.14 -19.22 -0.49
N ARG B 61 24.23 -20.00 -0.52
CA ARG B 61 24.64 -20.65 -1.74
C ARG B 61 23.56 -21.57 -2.31
N GLN B 62 22.68 -22.06 -1.44
CA GLN B 62 21.60 -22.95 -1.86
C GLN B 62 20.26 -22.22 -2.04
N THR B 63 20.13 -21.04 -1.45
CA THR B 63 18.88 -20.29 -1.56
C THR B 63 18.87 -19.19 -2.64
N LEU B 64 20.03 -18.61 -2.96
CA LEU B 64 20.09 -17.53 -3.96
C LEU B 64 19.51 -17.98 -5.29
N ASP B 65 18.75 -17.10 -5.92
CA ASP B 65 18.13 -17.40 -7.21
C ASP B 65 18.94 -16.77 -8.34
N THR B 66 19.83 -15.85 -7.98
CA THR B 66 20.68 -15.16 -8.94
C THR B 66 22.07 -15.74 -8.71
N ARG B 67 23.05 -14.96 -8.26
CA ARG B 67 24.36 -15.52 -7.98
C ARG B 67 25.10 -14.81 -6.88
N MET B 68 26.01 -15.55 -6.25
CA MET B 68 26.77 -15.03 -5.15
C MET B 68 28.05 -14.34 -5.55
N ASN B 69 28.36 -13.25 -4.84
CA ASN B 69 29.59 -12.52 -5.05
C ASN B 69 30.25 -12.52 -3.67
N LEU B 70 31.19 -13.43 -3.48
CA LEU B 70 31.91 -13.59 -2.23
C LEU B 70 33.04 -12.59 -2.10
N GLU B 71 32.91 -11.72 -1.10
CA GLU B 71 33.91 -10.70 -0.83
C GLU B 71 34.84 -11.36 0.20
N MET B 72 36.14 -11.37 -0.08
CA MET B 72 37.12 -12.02 0.81
C MET B 72 38.54 -11.50 0.63
N ALA B 73 39.39 -11.81 1.59
CA ALA B 73 40.79 -11.40 1.55
C ALA B 73 41.54 -12.52 0.84
N VAL B 74 42.71 -12.21 0.29
CA VAL B 74 43.48 -13.24 -0.39
C VAL B 74 44.35 -13.97 0.63
N THR B 75 43.83 -15.09 1.12
CA THR B 75 44.50 -15.96 2.08
C THR B 75 44.22 -17.40 1.65
N GLU B 76 44.91 -18.36 2.26
CA GLU B 76 44.69 -19.74 1.88
C GLU B 76 43.34 -20.25 2.36
N GLU B 77 42.97 -19.88 3.59
CA GLU B 77 41.69 -20.28 4.18
C GLU B 77 40.54 -19.88 3.26
N MET B 78 40.47 -18.59 2.97
CA MET B 78 39.44 -18.01 2.10
C MET B 78 39.45 -18.62 0.70
N LEU B 79 40.62 -18.67 0.08
CA LEU B 79 40.70 -19.24 -1.26
C LEU B 79 40.20 -20.67 -1.22
N ALA B 80 40.53 -21.36 -0.13
CA ALA B 80 40.09 -22.75 0.03
C ALA B 80 38.56 -22.79 0.00
N ILE B 81 37.95 -21.99 0.88
CA ILE B 81 36.50 -21.92 0.98
C ILE B 81 35.85 -21.58 -0.35
N ALA B 82 36.35 -20.53 -1.00
CA ALA B 82 35.80 -20.10 -2.27
C ALA B 82 35.71 -21.25 -3.29
N VAL B 83 36.80 -22.02 -3.41
CA VAL B 83 36.85 -23.15 -4.35
C VAL B 83 35.86 -24.23 -3.96
N GLU B 84 35.61 -24.32 -2.66
CA GLU B 84 34.69 -25.31 -2.13
C GLU B 84 33.25 -24.85 -2.42
N THR B 85 33.00 -23.57 -2.19
CA THR B 85 31.67 -22.97 -2.37
C THR B 85 31.28 -22.73 -3.82
N LYS B 86 32.27 -22.46 -4.67
CA LYS B 86 32.01 -22.20 -6.08
C LYS B 86 31.05 -21.03 -6.30
N PRO B 87 31.30 -19.89 -5.65
CA PRO B 87 30.41 -18.74 -5.86
C PRO B 87 30.59 -18.28 -7.31
N HIS B 88 29.53 -17.77 -7.91
CA HIS B 88 29.64 -17.30 -9.28
C HIS B 88 30.76 -16.28 -9.43
N PHE B 89 30.79 -15.30 -8.52
CA PHE B 89 31.82 -14.27 -8.53
C PHE B 89 32.60 -14.29 -7.24
N CYS B 90 33.80 -13.73 -7.29
CA CYS B 90 34.66 -13.60 -6.13
C CYS B 90 35.30 -12.25 -6.24
N CYS B 91 35.18 -11.44 -5.20
CA CYS B 91 35.75 -10.10 -5.24
C CYS B 91 36.85 -9.97 -4.20
N LEU B 92 38.09 -9.90 -4.68
CA LEU B 92 39.25 -9.83 -3.79
C LEU B 92 39.40 -8.49 -3.13
N VAL B 93 39.47 -8.53 -1.80
CA VAL B 93 39.53 -7.34 -1.00
C VAL B 93 40.59 -7.47 0.09
N PRO B 94 41.16 -6.34 0.53
CA PRO B 94 42.18 -6.38 1.59
C PRO B 94 41.42 -6.51 2.91
N GLU B 95 42.12 -6.82 4.00
CA GLU B 95 41.45 -6.92 5.31
C GLU B 95 42.35 -6.44 6.44
N GLU B 103 44.62 3.34 -0.85
CA GLU B 103 43.39 4.11 -0.71
C GLU B 103 42.22 3.19 -0.34
N GLY B 104 42.53 1.96 0.02
CA GLY B 104 41.49 1.01 0.40
C GLY B 104 41.44 -0.16 -0.56
N GLY B 105 41.83 0.06 -1.81
CA GLY B 105 41.81 -1.01 -2.79
C GLY B 105 42.98 -1.95 -2.65
N LEU B 106 42.86 -3.13 -3.27
CA LEU B 106 43.93 -4.13 -3.26
C LEU B 106 45.21 -3.60 -3.88
N ASP B 107 46.34 -4.08 -3.38
CA ASP B 107 47.63 -3.70 -3.95
C ASP B 107 47.99 -4.86 -4.86
N VAL B 108 47.56 -4.78 -6.11
CA VAL B 108 47.81 -5.83 -7.09
C VAL B 108 49.19 -5.70 -7.70
N ALA B 109 49.56 -4.47 -8.01
CA ALA B 109 50.86 -4.21 -8.61
C ALA B 109 51.99 -4.67 -7.68
N GLY B 110 51.79 -4.48 -6.37
CA GLY B 110 52.80 -4.89 -5.41
C GLY B 110 52.77 -6.34 -4.98
N GLN B 111 51.95 -7.16 -5.64
CA GLN B 111 51.84 -8.58 -5.32
C GLN B 111 51.41 -9.36 -6.55
N ARG B 112 51.93 -8.97 -7.71
CA ARG B 112 51.57 -9.59 -8.98
C ARG B 112 51.52 -11.12 -9.02
N ASP B 113 52.34 -11.79 -8.22
CA ASP B 113 52.36 -13.25 -8.21
C ASP B 113 51.28 -13.86 -7.32
N LYS B 114 51.11 -13.32 -6.12
CA LYS B 114 50.08 -13.83 -5.23
C LYS B 114 48.73 -13.70 -5.95
N MET B 115 48.50 -12.53 -6.54
CA MET B 115 47.24 -12.28 -7.25
C MET B 115 47.11 -13.14 -8.50
N ARG B 116 48.23 -13.37 -9.17
CA ARG B 116 48.25 -14.17 -10.38
C ARG B 116 47.79 -15.58 -10.05
N ASP B 117 48.34 -16.15 -8.99
CA ASP B 117 47.95 -17.51 -8.59
C ASP B 117 46.52 -17.55 -8.07
N ALA B 118 46.16 -16.53 -7.28
CA ALA B 118 44.81 -16.43 -6.73
C ALA B 118 43.80 -16.51 -7.87
N CYS B 119 43.99 -15.70 -8.90
CA CYS B 119 43.06 -15.70 -10.01
C CYS B 119 42.99 -17.06 -10.72
N LYS B 120 44.13 -17.57 -11.16
CA LYS B 120 44.16 -18.86 -11.86
C LYS B 120 43.43 -19.94 -11.05
N ARG B 121 43.74 -19.99 -9.76
CA ARG B 121 43.12 -20.96 -8.87
C ARG B 121 41.57 -20.82 -8.85
N LEU B 122 41.09 -19.63 -8.53
CA LEU B 122 39.65 -19.40 -8.49
C LEU B 122 39.07 -19.60 -9.88
N ALA B 123 39.81 -19.17 -10.90
CA ALA B 123 39.34 -19.32 -12.27
C ALA B 123 39.22 -20.79 -12.67
N ASP B 124 40.10 -21.63 -12.11
CA ASP B 124 40.06 -23.06 -12.42
C ASP B 124 38.88 -23.71 -11.73
N ALA B 125 38.30 -23.01 -10.77
CA ALA B 125 37.15 -23.51 -10.03
C ALA B 125 35.85 -23.03 -10.69
N GLY B 126 35.99 -22.20 -11.73
CA GLY B 126 34.82 -21.70 -12.41
C GLY B 126 34.33 -20.43 -11.74
N ILE B 127 35.23 -19.74 -11.07
CA ILE B 127 34.86 -18.51 -10.39
C ILE B 127 35.32 -17.26 -11.17
N GLN B 128 34.39 -16.34 -11.43
CA GLN B 128 34.76 -15.11 -12.12
C GLN B 128 35.32 -14.19 -11.06
N VAL B 129 36.59 -13.83 -11.23
CA VAL B 129 37.28 -13.02 -10.26
C VAL B 129 37.28 -11.52 -10.51
N SER B 130 37.08 -10.79 -9.43
CA SER B 130 37.07 -9.34 -9.49
C SER B 130 38.04 -8.83 -8.46
N LEU B 131 38.90 -7.89 -8.85
CA LEU B 131 39.86 -7.31 -7.94
C LEU B 131 39.40 -5.92 -7.52
N PHE B 132 39.12 -5.76 -6.22
CA PHE B 132 38.67 -4.48 -5.69
C PHE B 132 39.87 -3.56 -5.62
N ILE B 133 39.91 -2.55 -6.50
CA ILE B 133 41.03 -1.62 -6.58
C ILE B 133 40.66 -0.13 -6.66
N ASP B 134 41.65 0.74 -6.47
CA ASP B 134 41.45 2.18 -6.54
C ASP B 134 41.47 2.64 -7.99
N ALA B 135 40.89 3.81 -8.23
CA ALA B 135 40.84 4.39 -9.57
C ALA B 135 42.24 4.87 -9.96
N ASP B 136 43.17 3.92 -10.00
CA ASP B 136 44.59 4.16 -10.31
C ASP B 136 45.04 3.28 -11.49
N GLU B 137 45.57 3.92 -12.53
CA GLU B 137 46.02 3.21 -13.73
C GLU B 137 47.07 2.14 -13.50
N GLU B 138 48.00 2.35 -12.57
CA GLU B 138 49.00 1.34 -12.29
C GLU B 138 48.36 0.00 -11.87
N GLN B 139 47.40 0.08 -10.95
CA GLN B 139 46.68 -1.10 -10.46
C GLN B 139 45.82 -1.72 -11.56
N ILE B 140 45.15 -0.89 -12.33
CA ILE B 140 44.31 -1.37 -13.40
C ILE B 140 45.17 -2.17 -14.38
N LYS B 141 46.34 -1.63 -14.72
CA LYS B 141 47.25 -2.33 -15.63
C LYS B 141 47.68 -3.66 -15.03
N ALA B 142 47.92 -3.66 -13.72
CA ALA B 142 48.30 -4.87 -12.98
C ALA B 142 47.20 -5.94 -13.08
N ALA B 143 45.96 -5.53 -12.81
CA ALA B 143 44.82 -6.44 -12.87
C ALA B 143 44.63 -7.07 -14.25
N ALA B 144 44.90 -6.30 -15.30
CA ALA B 144 44.74 -6.84 -16.65
C ALA B 144 45.88 -7.83 -16.91
N GLU B 145 47.07 -7.42 -16.51
CA GLU B 145 48.27 -8.22 -16.67
C GLU B 145 48.12 -9.53 -15.88
N VAL B 146 47.57 -9.44 -14.69
CA VAL B 146 47.38 -10.61 -13.82
C VAL B 146 46.28 -11.60 -14.27
N GLY B 147 45.42 -11.19 -15.20
CA GLY B 147 44.39 -12.09 -15.69
C GLY B 147 42.96 -12.03 -15.14
N ALA B 148 42.72 -11.15 -14.17
CA ALA B 148 41.38 -11.00 -13.58
C ALA B 148 40.37 -10.56 -14.64
N PRO B 149 39.18 -11.19 -14.68
CA PRO B 149 38.18 -10.76 -15.68
C PRO B 149 37.59 -9.37 -15.31
N PHE B 150 37.41 -9.16 -13.99
CA PHE B 150 36.84 -7.93 -13.43
C PHE B 150 37.72 -7.20 -12.44
N ILE B 151 37.37 -5.93 -12.26
CA ILE B 151 37.98 -5.07 -11.27
C ILE B 151 36.75 -4.36 -10.69
N GLU B 152 36.87 -3.82 -9.49
CA GLU B 152 35.77 -3.09 -8.87
C GLU B 152 36.35 -1.79 -8.33
N ILE B 153 36.08 -0.69 -9.02
CA ILE B 153 36.61 0.59 -8.61
C ILE B 153 36.01 1.10 -7.31
N HIS B 154 36.91 1.38 -6.37
CA HIS B 154 36.54 1.89 -5.06
C HIS B 154 35.90 3.27 -5.17
N THR B 155 34.65 3.41 -4.75
CA THR B 155 33.99 4.71 -4.86
C THR B 155 33.95 5.43 -3.51
N GLY B 156 34.67 4.90 -2.53
CA GLY B 156 34.72 5.51 -1.20
C GLY B 156 35.20 6.95 -1.13
N CYS B 157 36.30 7.29 -1.82
CA CYS B 157 36.79 8.67 -1.78
C CYS B 157 35.79 9.61 -2.44
N TYR B 158 35.06 9.12 -3.44
CA TYR B 158 34.07 9.94 -4.12
C TYR B 158 32.88 10.16 -3.18
N ALA B 159 32.53 9.12 -2.43
CA ALA B 159 31.43 9.21 -1.50
C ALA B 159 31.79 10.11 -0.34
N ASP B 160 33.05 10.11 0.06
CA ASP B 160 33.50 10.93 1.18
C ASP B 160 33.95 12.33 0.84
N ALA B 161 34.03 12.64 -0.44
CA ALA B 161 34.46 13.97 -0.85
C ALA B 161 33.62 15.00 -0.11
N LYS B 162 34.27 15.86 0.67
CA LYS B 162 33.53 16.88 1.42
C LYS B 162 32.86 17.92 0.54
N THR B 163 33.64 18.57 -0.33
CA THR B 163 33.12 19.61 -1.19
C THR B 163 32.60 19.15 -2.54
N ASP B 164 31.74 19.96 -3.15
CA ASP B 164 31.17 19.64 -4.45
C ASP B 164 32.29 19.57 -5.47
N ALA B 165 33.38 20.28 -5.19
CA ALA B 165 34.52 20.31 -6.07
C ALA B 165 35.38 19.06 -5.89
N GLU B 166 35.69 18.73 -4.64
CA GLU B 166 36.49 17.56 -4.37
C GLU B 166 35.74 16.34 -4.94
N GLN B 167 34.44 16.49 -5.12
CA GLN B 167 33.62 15.41 -5.64
C GLN B 167 33.65 15.24 -7.15
N ALA B 168 33.43 16.32 -7.88
CA ALA B 168 33.48 16.25 -9.33
C ALA B 168 34.90 15.80 -9.70
N GLN B 169 35.83 16.07 -8.80
CA GLN B 169 37.23 15.70 -8.97
C GLN B 169 37.36 14.17 -8.96
N GLU B 170 36.83 13.55 -7.92
CA GLU B 170 36.88 12.09 -7.79
C GLU B 170 36.02 11.40 -8.84
N LEU B 171 34.94 12.04 -9.27
CA LEU B 171 34.07 11.44 -10.27
C LEU B 171 34.89 11.24 -11.53
N ALA B 172 35.53 12.33 -11.95
CA ALA B 172 36.36 12.32 -13.15
C ALA B 172 37.44 11.24 -13.10
N ARG B 173 38.06 11.08 -11.93
CA ARG B 173 39.09 10.07 -11.80
C ARG B 173 38.51 8.67 -12.02
N ILE B 174 37.34 8.42 -11.46
CA ILE B 174 36.66 7.14 -11.60
C ILE B 174 36.21 6.94 -13.04
N ALA B 175 35.75 8.00 -13.69
CA ALA B 175 35.31 7.89 -15.08
C ALA B 175 36.47 7.58 -16.02
N LYS B 176 37.63 8.17 -15.77
CA LYS B 176 38.78 7.93 -16.62
C LYS B 176 39.29 6.53 -16.38
N ALA B 177 39.29 6.13 -15.10
CA ALA B 177 39.74 4.81 -14.71
C ALA B 177 38.84 3.72 -15.27
N ALA B 178 37.56 4.01 -15.44
CA ALA B 178 36.65 2.99 -15.98
C ALA B 178 36.85 2.81 -17.50
N THR B 179 37.02 3.92 -18.22
CA THR B 179 37.25 3.88 -19.67
C THR B 179 38.62 3.22 -19.94
N PHE B 180 39.57 3.52 -19.05
CA PHE B 180 40.90 2.95 -19.16
C PHE B 180 40.82 1.43 -18.96
N ALA B 181 40.13 1.01 -17.91
CA ALA B 181 39.98 -0.41 -17.62
C ALA B 181 39.32 -1.11 -18.81
N ALA B 182 38.26 -0.52 -19.34
CA ALA B 182 37.56 -1.10 -20.47
C ALA B 182 38.49 -1.26 -21.69
N SER B 183 39.40 -0.31 -21.90
CA SER B 183 40.31 -0.40 -23.05
C SER B 183 41.30 -1.59 -22.90
N LEU B 184 41.52 -2.06 -21.67
CA LEU B 184 42.42 -3.19 -21.44
C LEU B 184 41.68 -4.52 -21.44
N GLY B 185 40.40 -4.49 -21.82
CA GLY B 185 39.60 -5.70 -21.86
C GLY B 185 38.97 -6.10 -20.53
N LEU B 186 39.10 -5.26 -19.52
CA LEU B 186 38.52 -5.56 -18.22
C LEU B 186 37.05 -5.12 -18.16
N LYS B 187 36.24 -5.87 -17.44
CA LYS B 187 34.85 -5.49 -17.24
C LYS B 187 34.97 -4.76 -15.91
N VAL B 188 34.22 -3.66 -15.75
CA VAL B 188 34.36 -2.89 -14.53
C VAL B 188 33.12 -2.64 -13.70
N ASN B 189 33.31 -2.88 -12.41
CA ASN B 189 32.29 -2.70 -11.40
C ASN B 189 32.80 -1.60 -10.44
N ALA B 190 31.89 -1.10 -9.60
CA ALA B 190 32.20 -0.06 -8.64
C ALA B 190 31.32 -0.29 -7.42
N GLY B 191 31.86 0.05 -6.28
CA GLY B 191 31.11 -0.14 -5.07
C GLY B 191 31.84 0.46 -3.90
N HIS B 192 31.07 0.63 -2.83
CA HIS B 192 31.50 1.18 -1.57
C HIS B 192 31.35 2.69 -1.41
N GLY B 193 30.34 3.01 -0.62
CA GLY B 193 30.00 4.37 -0.26
C GLY B 193 28.81 4.90 -1.07
N LEU B 194 28.37 4.17 -2.08
CA LEU B 194 27.27 4.66 -2.89
C LEU B 194 26.00 4.83 -2.06
N THR B 195 25.34 5.97 -2.22
CA THR B 195 24.11 6.26 -1.49
C THR B 195 22.98 6.62 -2.46
N TYR B 196 21.80 6.83 -1.91
CA TYR B 196 20.71 7.21 -2.77
C TYR B 196 21.03 8.55 -3.44
N HIS B 197 21.78 9.41 -2.75
CA HIS B 197 22.11 10.71 -3.32
C HIS B 197 23.36 10.84 -4.21
N ASN B 198 24.31 9.90 -4.14
CA ASN B 198 25.48 10.03 -5.01
C ASN B 198 25.58 8.94 -6.09
N VAL B 199 24.66 7.99 -6.06
CA VAL B 199 24.70 6.88 -7.01
C VAL B 199 24.61 7.22 -8.50
N LYS B 200 23.70 8.12 -8.89
CA LYS B 200 23.49 8.43 -10.32
C LYS B 200 24.68 8.84 -11.16
N ALA B 201 25.51 9.72 -10.62
CA ALA B 201 26.68 10.15 -11.34
C ALA B 201 27.56 8.94 -11.64
N ILE B 202 27.59 7.99 -10.70
CA ILE B 202 28.40 6.80 -10.89
C ILE B 202 27.70 5.87 -11.88
N ALA B 203 26.37 5.79 -11.78
CA ALA B 203 25.64 4.91 -12.70
C ALA B 203 25.71 5.38 -14.16
N ALA B 204 25.80 6.70 -14.36
CA ALA B 204 25.87 7.22 -15.72
C ALA B 204 27.16 6.85 -16.45
N ILE B 205 28.22 6.49 -15.70
CA ILE B 205 29.47 6.08 -16.33
C ILE B 205 29.22 4.82 -17.18
N PRO B 206 29.31 4.95 -18.51
CA PRO B 206 29.09 3.87 -19.47
C PRO B 206 29.75 2.53 -19.20
N GLU B 207 31.05 2.54 -18.92
CA GLU B 207 31.78 1.30 -18.70
C GLU B 207 31.30 0.44 -17.54
N MET B 208 30.58 1.04 -16.59
CA MET B 208 30.13 0.32 -15.42
C MET B 208 29.25 -0.89 -15.71
N HIS B 209 29.68 -2.03 -15.19
CA HIS B 209 28.95 -3.28 -15.38
C HIS B 209 27.97 -3.53 -14.23
N GLU B 210 28.45 -3.42 -13.00
CA GLU B 210 27.59 -3.62 -11.85
C GLU B 210 28.05 -2.82 -10.64
N LEU B 211 27.10 -2.23 -9.92
CA LEU B 211 27.46 -1.46 -8.75
C LEU B 211 27.09 -2.31 -7.57
N ASN B 212 28.04 -2.49 -6.65
CA ASN B 212 27.78 -3.28 -5.48
C ASN B 212 27.46 -2.28 -4.38
N ILE B 213 26.31 -2.47 -3.75
CA ILE B 213 25.91 -1.51 -2.74
C ILE B 213 25.30 -2.18 -1.53
N GLY B 214 25.71 -1.72 -0.36
CA GLY B 214 25.20 -2.35 0.85
C GLY B 214 24.67 -1.46 1.95
N HIS B 215 25.56 -0.82 2.68
CA HIS B 215 25.17 -0.01 3.81
C HIS B 215 24.02 0.98 3.65
N ALA B 216 24.03 1.77 2.59
CA ALA B 216 22.98 2.76 2.37
C ALA B 216 21.62 2.09 2.18
N ILE B 217 21.61 0.95 1.52
CA ILE B 217 20.38 0.23 1.27
C ILE B 217 19.83 -0.27 2.59
N ILE B 218 20.67 -0.91 3.39
CA ILE B 218 20.23 -1.42 4.67
C ILE B 218 19.76 -0.26 5.55
N GLY B 219 20.51 0.85 5.50
CA GLY B 219 20.19 2.03 6.29
C GLY B 219 18.83 2.61 5.92
N ARG B 220 18.49 2.56 4.64
CA ARG B 220 17.18 3.04 4.18
C ARG B 220 16.12 1.99 4.55
N ALA B 221 16.53 0.72 4.52
CA ALA B 221 15.63 -0.40 4.82
C ALA B 221 14.99 -0.40 6.22
N VAL B 222 15.73 -0.01 7.24
CA VAL B 222 15.14 0.00 8.56
C VAL B 222 14.03 1.03 8.64
N MET B 223 14.05 2.00 7.75
CA MET B 223 12.99 2.98 7.75
C MET B 223 11.85 2.48 6.86
N THR B 224 12.12 2.26 5.58
CA THR B 224 11.09 1.86 4.63
C THR B 224 10.92 0.38 4.30
N GLY B 225 11.81 -0.49 4.79
CA GLY B 225 11.71 -1.89 4.44
C GLY B 225 12.60 -2.19 3.23
N LEU B 226 13.29 -3.32 3.28
CA LEU B 226 14.21 -3.73 2.23
C LEU B 226 13.70 -3.69 0.82
N LYS B 227 12.47 -4.15 0.58
CA LYS B 227 11.95 -4.16 -0.78
C LYS B 227 11.96 -2.77 -1.43
N ASP B 228 11.30 -1.79 -0.83
CA ASP B 228 11.32 -0.47 -1.46
C ASP B 228 12.73 0.12 -1.45
N ALA B 229 13.56 -0.25 -0.48
CA ALA B 229 14.92 0.31 -0.45
C ALA B 229 15.72 -0.18 -1.65
N VAL B 230 15.56 -1.44 -2.01
CA VAL B 230 16.32 -1.99 -3.13
C VAL B 230 15.75 -1.49 -4.45
N ALA B 231 14.44 -1.49 -4.55
CA ALA B 231 13.77 -1.06 -5.75
C ALA B 231 14.11 0.39 -6.01
N GLU B 232 14.10 1.23 -4.98
CA GLU B 232 14.45 2.63 -5.21
C GLU B 232 15.85 2.79 -5.79
N MET B 233 16.82 2.05 -5.25
CA MET B 233 18.18 2.15 -5.73
C MET B 233 18.30 1.74 -7.19
N LYS B 234 17.63 0.67 -7.58
CA LYS B 234 17.69 0.19 -8.94
C LYS B 234 17.07 1.23 -9.87
N ARG B 235 15.92 1.77 -9.45
CA ARG B 235 15.24 2.78 -10.25
C ARG B 235 16.19 3.96 -10.50
N LEU B 236 16.85 4.45 -9.44
CA LEU B 236 17.76 5.57 -9.62
C LEU B 236 18.85 5.21 -10.65
N MET B 237 19.48 4.06 -10.45
CA MET B 237 20.53 3.60 -11.35
C MET B 237 20.09 3.57 -12.82
N LEU B 238 18.92 3.02 -13.13
CA LEU B 238 18.49 2.96 -14.53
C LEU B 238 18.10 4.33 -15.06
N GLU B 239 17.58 5.20 -14.21
CA GLU B 239 17.21 6.53 -14.66
C GLU B 239 18.48 7.23 -15.12
N ALA B 240 19.56 7.04 -14.37
CA ALA B 240 20.84 7.68 -14.68
C ALA B 240 21.38 7.23 -16.02
N ARG B 241 21.18 5.96 -16.36
CA ARG B 241 21.66 5.42 -17.62
C ARG B 241 20.79 5.87 -18.77
N GLY B 242 19.51 6.10 -18.49
CA GLY B 242 18.61 6.54 -19.53
C GLY B 242 18.76 8.02 -19.83
N ALA C 1 4.11 20.97 -25.41
CA ALA C 1 4.21 20.32 -24.07
C ALA C 1 3.86 18.82 -24.17
N GLU C 2 3.52 18.21 -23.05
CA GLU C 2 3.18 16.79 -23.09
C GLU C 2 1.69 16.57 -23.30
N LEU C 3 1.37 15.36 -23.76
CA LEU C 3 0.01 14.93 -24.00
C LEU C 3 -0.80 15.10 -22.71
N LEU C 4 -1.92 15.80 -22.79
CA LEU C 4 -2.77 16.01 -21.64
C LEU C 4 -3.87 14.96 -21.53
N LEU C 5 -4.34 14.73 -20.30
CA LEU C 5 -5.40 13.77 -20.01
C LEU C 5 -6.57 14.53 -19.39
N GLY C 6 -7.73 14.41 -20.01
CA GLY C 6 -8.93 15.04 -19.51
C GLY C 6 -9.75 13.86 -19.06
N VAL C 7 -10.13 13.84 -17.78
CA VAL C 7 -10.92 12.72 -17.26
C VAL C 7 -12.40 13.08 -17.22
N ASN C 8 -13.21 12.27 -17.87
CA ASN C 8 -14.62 12.50 -17.89
C ASN C 8 -15.19 11.80 -16.70
N ILE C 9 -15.82 12.55 -15.79
CA ILE C 9 -16.36 11.90 -14.60
C ILE C 9 -17.86 11.66 -14.65
N ASP C 10 -18.47 11.80 -15.83
CA ASP C 10 -19.91 11.56 -15.97
C ASP C 10 -20.37 10.27 -15.28
N HIS C 11 -19.65 9.18 -15.52
CA HIS C 11 -20.09 7.93 -14.95
C HIS C 11 -20.09 7.81 -13.45
N ILE C 12 -19.40 8.73 -12.78
CA ILE C 12 -19.46 8.73 -11.33
C ILE C 12 -20.95 9.08 -11.03
N ALA C 13 -21.47 10.09 -11.72
CA ALA C 13 -22.85 10.52 -11.50
C ALA C 13 -23.92 9.51 -11.92
N THR C 14 -23.61 8.68 -12.92
CA THR C 14 -24.59 7.70 -13.35
C THR C 14 -24.72 6.61 -12.27
N LEU C 15 -23.69 6.47 -11.44
CA LEU C 15 -23.68 5.51 -10.34
C LEU C 15 -24.56 6.15 -9.24
N ARG C 16 -24.33 7.43 -8.99
CA ARG C 16 -25.10 8.16 -7.99
C ARG C 16 -26.57 8.17 -8.33
N ASN C 17 -26.87 8.67 -9.52
CA ASN C 17 -28.23 8.81 -10.03
C ASN C 17 -29.08 7.54 -10.16
N ALA C 18 -28.47 6.38 -9.93
CA ALA C 18 -29.20 5.13 -10.00
C ALA C 18 -29.92 4.91 -8.67
N ARG C 19 -29.77 5.87 -7.76
CA ARG C 19 -30.38 5.74 -6.45
C ARG C 19 -30.89 7.03 -5.80
N GLY C 20 -30.55 8.19 -6.33
CA GLY C 20 -31.03 9.40 -5.70
C GLY C 20 -30.40 9.77 -4.35
N THR C 21 -29.31 9.09 -4.00
CA THR C 21 -28.56 9.37 -2.77
C THR C 21 -27.54 10.42 -3.23
N ALA C 22 -26.64 10.81 -2.35
CA ALA C 22 -25.65 11.82 -2.75
C ALA C 22 -24.33 11.21 -3.19
N TYR C 23 -24.12 9.94 -2.86
CA TYR C 23 -22.87 9.24 -3.23
C TYR C 23 -23.03 8.27 -4.41
N PRO C 24 -21.96 8.14 -5.23
CA PRO C 24 -20.70 8.87 -5.03
C PRO C 24 -20.83 10.26 -5.61
N ASP C 25 -20.04 11.18 -5.09
CA ASP C 25 -20.08 12.56 -5.52
C ASP C 25 -18.97 12.90 -6.50
N PRO C 26 -19.34 13.47 -7.66
CA PRO C 26 -18.40 13.86 -8.71
C PRO C 26 -17.38 14.91 -8.21
N VAL C 27 -17.79 15.69 -7.23
CA VAL C 27 -16.89 16.71 -6.72
C VAL C 27 -15.65 16.03 -6.09
N GLN C 28 -15.85 14.88 -5.46
CA GLN C 28 -14.76 14.13 -4.84
C GLN C 28 -13.91 13.51 -5.90
N ALA C 29 -14.54 12.84 -6.87
CA ALA C 29 -13.79 12.19 -7.96
C ALA C 29 -12.88 13.16 -8.71
N ALA C 30 -13.34 14.39 -8.87
CA ALA C 30 -12.58 15.40 -9.58
C ALA C 30 -11.30 15.79 -8.82
N PHE C 31 -11.39 15.91 -7.49
CA PHE C 31 -10.20 16.22 -6.70
C PHE C 31 -9.21 15.08 -6.89
N ILE C 32 -9.71 13.85 -6.80
CA ILE C 32 -8.85 12.67 -6.93
C ILE C 32 -8.15 12.62 -8.29
N ALA C 33 -8.94 12.68 -9.36
CA ALA C 33 -8.38 12.62 -10.71
C ALA C 33 -7.36 13.72 -10.92
N GLU C 34 -7.70 14.95 -10.53
CA GLU C 34 -6.79 16.07 -10.72
C GLU C 34 -5.44 15.89 -10.04
N GLN C 35 -5.43 15.11 -8.96
CA GLN C 35 -4.19 14.87 -8.24
C GLN C 35 -3.54 13.53 -8.62
N ALA C 36 -4.13 12.80 -9.56
CA ALA C 36 -3.57 11.50 -9.96
C ALA C 36 -3.15 11.40 -11.43
N GLY C 37 -3.18 12.52 -12.17
CA GLY C 37 -2.79 12.48 -13.58
C GLY C 37 -3.69 13.26 -14.53
N ALA C 38 -4.87 13.70 -14.05
CA ALA C 38 -5.78 14.45 -14.90
C ALA C 38 -5.32 15.89 -15.05
N ASP C 39 -5.35 16.40 -16.27
CA ASP C 39 -4.95 17.78 -16.53
C ASP C 39 -6.18 18.69 -16.68
N GLY C 40 -7.35 18.07 -16.78
CA GLY C 40 -8.60 18.77 -16.91
C GLY C 40 -9.70 17.78 -16.55
N ILE C 41 -10.89 18.30 -16.27
CA ILE C 41 -12.01 17.45 -15.90
C ILE C 41 -13.12 17.74 -16.89
N THR C 42 -13.71 16.68 -17.41
CA THR C 42 -14.77 16.80 -18.38
C THR C 42 -16.10 16.36 -17.82
N VAL C 43 -17.12 17.19 -18.05
CA VAL C 43 -18.49 16.86 -17.65
C VAL C 43 -19.39 17.17 -18.83
N HIS C 44 -20.42 16.35 -18.97
CA HIS C 44 -21.37 16.51 -20.04
C HIS C 44 -22.74 16.77 -19.46
N LEU C 45 -23.22 18.00 -19.62
CA LEU C 45 -24.54 18.39 -19.14
C LEU C 45 -25.53 17.96 -20.24
N ARG C 46 -26.32 16.92 -19.98
CA ARG C 46 -27.29 16.46 -20.95
C ARG C 46 -28.60 17.15 -20.60
N GLU C 47 -29.45 17.40 -21.59
CA GLU C 47 -30.70 18.06 -21.30
C GLU C 47 -31.50 17.31 -20.26
N ASP C 48 -31.50 15.98 -20.33
CA ASP C 48 -32.26 15.18 -19.37
C ASP C 48 -31.59 15.05 -18.00
N ARG C 49 -30.42 15.68 -17.82
CA ARG C 49 -29.71 15.62 -16.56
C ARG C 49 -29.68 14.18 -16.05
N ARG C 50 -29.38 13.26 -16.96
CA ARG C 50 -29.29 11.84 -16.67
C ARG C 50 -28.27 11.58 -15.56
N HIS C 51 -27.04 12.04 -15.74
CA HIS C 51 -26.04 11.86 -14.70
C HIS C 51 -25.56 13.17 -14.05
N ILE C 52 -24.79 13.97 -14.77
CA ILE C 52 -24.31 15.23 -14.24
C ILE C 52 -25.45 16.26 -14.13
N THR C 53 -25.51 16.97 -13.00
CA THR C 53 -26.56 17.94 -12.76
C THR C 53 -26.03 19.37 -12.75
N ASP C 54 -26.94 20.33 -12.74
CA ASP C 54 -26.53 21.74 -12.71
C ASP C 54 -25.80 21.98 -11.39
N ARG C 55 -26.21 21.26 -10.35
CA ARG C 55 -25.60 21.36 -9.02
C ARG C 55 -24.12 20.94 -9.09
N ASP C 56 -23.85 19.82 -9.75
CA ASP C 56 -22.48 19.32 -9.91
C ASP C 56 -21.66 20.40 -10.61
N VAL C 57 -22.19 20.87 -11.74
CA VAL C 57 -21.53 21.88 -12.54
C VAL C 57 -21.23 23.14 -11.77
N ARG C 58 -22.17 23.61 -10.97
CA ARG C 58 -21.95 24.83 -10.22
C ARG C 58 -20.86 24.60 -9.15
N ILE C 59 -20.92 23.49 -8.44
CA ILE C 59 -19.89 23.23 -7.43
C ILE C 59 -18.54 22.97 -8.10
N LEU C 60 -18.52 22.06 -9.07
CA LEU C 60 -17.30 21.73 -9.78
C LEU C 60 -16.56 22.96 -10.27
N ARG C 61 -17.34 23.93 -10.74
CA ARG C 61 -16.77 25.16 -11.25
C ARG C 61 -16.04 25.95 -10.17
N GLN C 62 -16.42 25.73 -8.93
CA GLN C 62 -15.79 26.42 -7.81
C GLN C 62 -14.70 25.57 -7.13
N THR C 63 -14.74 24.26 -7.37
CA THR C 63 -13.77 23.37 -6.72
C THR C 63 -12.62 22.83 -7.57
N LEU C 64 -12.79 22.78 -8.89
CA LEU C 64 -11.72 22.29 -9.76
C LEU C 64 -10.46 23.14 -9.63
N ASP C 65 -9.32 22.47 -9.59
CA ASP C 65 -8.02 23.11 -9.44
C ASP C 65 -7.43 23.32 -10.83
N THR C 66 -7.87 22.52 -11.80
CA THR C 66 -7.36 22.65 -13.16
C THR C 66 -8.38 23.37 -14.04
N ARG C 67 -9.00 22.69 -15.00
CA ARG C 67 -9.98 23.38 -15.84
C ARG C 67 -11.13 22.49 -16.27
N MET C 68 -12.33 23.06 -16.30
CA MET C 68 -13.52 22.31 -16.68
C MET C 68 -13.70 22.23 -18.21
N ASN C 69 -14.15 21.08 -18.70
CA ASN C 69 -14.45 20.94 -20.12
C ASN C 69 -15.95 20.60 -20.16
N LEU C 70 -16.77 21.60 -20.52
CA LEU C 70 -18.22 21.38 -20.55
C LEU C 70 -18.67 20.73 -21.88
N GLU C 71 -19.16 19.50 -21.82
CA GLU C 71 -19.65 18.85 -23.03
C GLU C 71 -21.14 19.16 -23.08
N MET C 72 -21.65 19.50 -24.27
CA MET C 72 -23.07 19.89 -24.41
C MET C 72 -23.53 19.98 -25.87
N ALA C 73 -24.85 19.89 -26.08
CA ALA C 73 -25.38 19.98 -27.43
C ALA C 73 -25.47 21.44 -27.79
N VAL C 74 -25.55 21.72 -29.08
CA VAL C 74 -25.63 23.10 -29.53
C VAL C 74 -27.10 23.54 -29.58
N THR C 75 -27.62 23.92 -28.42
CA THR C 75 -28.99 24.39 -28.28
C THR C 75 -28.94 25.65 -27.42
N GLU C 76 -29.93 26.53 -27.61
CA GLU C 76 -30.00 27.79 -26.90
C GLU C 76 -29.84 27.65 -25.38
N GLU C 77 -30.49 26.65 -24.80
CA GLU C 77 -30.42 26.41 -23.36
C GLU C 77 -28.96 26.24 -22.94
N MET C 78 -28.27 25.28 -23.57
CA MET C 78 -26.89 25.00 -23.24
C MET C 78 -25.94 26.16 -23.49
N LEU C 79 -26.11 26.85 -24.61
CA LEU C 79 -25.24 27.99 -24.90
C LEU C 79 -25.35 29.02 -23.78
N ALA C 80 -26.57 29.22 -23.28
CA ALA C 80 -26.81 30.19 -22.21
C ALA C 80 -26.13 29.73 -20.92
N ILE C 81 -26.24 28.44 -20.63
CA ILE C 81 -25.60 27.89 -19.45
C ILE C 81 -24.09 28.01 -19.62
N ALA C 82 -23.58 27.64 -20.80
CA ALA C 82 -22.15 27.73 -21.08
C ALA C 82 -21.65 29.15 -20.90
N VAL C 83 -22.43 30.10 -21.42
CA VAL C 83 -22.09 31.50 -21.32
C VAL C 83 -22.04 31.97 -19.85
N GLU C 84 -22.94 31.49 -19.01
CA GLU C 84 -22.89 31.94 -17.63
C GLU C 84 -21.90 31.17 -16.78
N THR C 85 -21.64 29.92 -17.15
CA THR C 85 -20.69 29.10 -16.40
C THR C 85 -19.25 29.47 -16.71
N LYS C 86 -19.03 29.96 -17.92
CA LYS C 86 -17.67 30.35 -18.31
C LYS C 86 -16.62 29.25 -18.08
N PRO C 87 -16.92 28.01 -18.51
CA PRO C 87 -15.90 26.96 -18.30
C PRO C 87 -14.72 27.27 -19.21
N HIS C 88 -13.53 26.76 -18.90
CA HIS C 88 -12.39 27.06 -19.76
C HIS C 88 -12.57 26.49 -21.18
N PHE C 89 -13.23 25.35 -21.28
CA PHE C 89 -13.48 24.69 -22.55
C PHE C 89 -14.94 24.30 -22.67
N CYS C 90 -15.34 24.09 -23.91
CA CYS C 90 -16.69 23.69 -24.22
C CYS C 90 -16.52 22.76 -25.40
N CYS C 91 -17.00 21.53 -25.28
CA CYS C 91 -16.92 20.57 -26.36
C CYS C 91 -18.35 20.40 -26.85
N LEU C 92 -18.61 20.79 -28.10
CA LEU C 92 -19.96 20.72 -28.66
C LEU C 92 -20.18 19.36 -29.29
N VAL C 93 -21.20 18.65 -28.81
CA VAL C 93 -21.50 17.30 -29.30
C VAL C 93 -22.94 17.22 -29.81
N PRO C 94 -23.27 16.13 -30.52
CA PRO C 94 -24.59 15.88 -31.09
C PRO C 94 -25.70 15.64 -30.06
N GLU C 95 -26.88 16.21 -30.31
CA GLU C 95 -28.01 16.05 -29.40
C GLU C 95 -28.73 14.72 -29.60
N GLU C 103 -20.80 8.78 -38.41
CA GLU C 103 -20.31 7.77 -37.46
C GLU C 103 -20.54 8.20 -36.01
N GLY C 104 -21.24 9.33 -35.82
CA GLY C 104 -21.54 9.82 -34.48
C GLY C 104 -21.05 11.20 -34.09
N GLY C 105 -20.24 11.85 -34.94
CA GLY C 105 -19.74 13.16 -34.60
C GLY C 105 -20.70 14.29 -34.96
N LEU C 106 -20.36 15.52 -34.57
CA LEU C 106 -21.21 16.67 -34.90
C LEU C 106 -21.21 16.83 -36.39
N ASP C 107 -22.33 17.31 -36.93
CA ASP C 107 -22.38 17.55 -38.36
C ASP C 107 -22.09 19.03 -38.53
N VAL C 108 -20.82 19.34 -38.75
CA VAL C 108 -20.42 20.74 -38.92
C VAL C 108 -20.58 21.17 -40.37
N ALA C 109 -20.13 20.31 -41.29
CA ALA C 109 -20.19 20.62 -42.72
C ALA C 109 -21.60 20.98 -43.15
N GLY C 110 -22.58 20.26 -42.61
CA GLY C 110 -23.96 20.50 -42.94
C GLY C 110 -24.74 21.52 -42.13
N GLN C 111 -24.09 22.18 -41.15
CA GLN C 111 -24.77 23.19 -40.31
C GLN C 111 -23.81 24.34 -40.03
N ARG C 112 -23.12 24.79 -41.07
CA ARG C 112 -22.13 25.83 -40.93
C ARG C 112 -22.55 27.10 -40.22
N ASP C 113 -23.73 27.61 -40.52
CA ASP C 113 -24.16 28.84 -39.86
C ASP C 113 -24.40 28.63 -38.37
N LYS C 114 -25.11 27.56 -38.05
CA LYS C 114 -25.39 27.21 -36.66
C LYS C 114 -24.06 27.15 -35.90
N MET C 115 -23.13 26.34 -36.41
CA MET C 115 -21.85 26.17 -35.76
C MET C 115 -21.02 27.44 -35.67
N ARG C 116 -21.11 28.29 -36.69
CA ARG C 116 -20.34 29.54 -36.70
C ARG C 116 -20.82 30.47 -35.59
N ASP C 117 -22.14 30.54 -35.40
CA ASP C 117 -22.70 31.39 -34.38
C ASP C 117 -22.42 30.89 -32.97
N ALA C 118 -22.46 29.58 -32.79
CA ALA C 118 -22.18 29.00 -31.48
C ALA C 118 -20.72 29.31 -31.13
N CYS C 119 -19.79 29.05 -32.05
CA CYS C 119 -18.39 29.32 -31.76
C CYS C 119 -18.16 30.79 -31.46
N LYS C 120 -18.81 31.65 -32.23
CA LYS C 120 -18.68 33.09 -32.08
C LYS C 120 -19.14 33.50 -30.68
N ARG C 121 -20.34 33.03 -30.34
CA ARG C 121 -20.97 33.32 -29.07
C ARG C 121 -20.19 32.82 -27.85
N LEU C 122 -19.72 31.59 -27.90
CA LEU C 122 -18.98 31.01 -26.79
C LEU C 122 -17.63 31.71 -26.60
N ALA C 123 -17.02 32.11 -27.71
CA ALA C 123 -15.73 32.80 -27.67
C ALA C 123 -15.89 34.21 -27.12
N ASP C 124 -17.06 34.81 -27.32
CA ASP C 124 -17.31 36.15 -26.80
C ASP C 124 -17.31 36.04 -25.29
N ALA C 125 -17.80 34.91 -24.79
CA ALA C 125 -17.84 34.65 -23.36
C ALA C 125 -16.46 34.15 -22.89
N GLY C 126 -15.47 34.24 -23.78
CA GLY C 126 -14.12 33.82 -23.44
C GLY C 126 -13.90 32.33 -23.26
N ILE C 127 -14.73 31.52 -23.89
CA ILE C 127 -14.60 30.06 -23.79
C ILE C 127 -13.90 29.49 -25.01
N GLN C 128 -12.93 28.59 -24.80
CA GLN C 128 -12.24 27.98 -25.94
C GLN C 128 -13.11 26.82 -26.39
N VAL C 129 -13.52 26.86 -27.65
CA VAL C 129 -14.42 25.88 -28.25
C VAL C 129 -13.82 24.70 -29.00
N SER C 130 -14.34 23.52 -28.73
CA SER C 130 -13.91 22.31 -29.38
C SER C 130 -15.12 21.65 -29.98
N LEU C 131 -14.99 21.21 -31.23
CA LEU C 131 -16.07 20.54 -31.94
C LEU C 131 -15.72 19.06 -32.02
N PHE C 132 -16.64 18.22 -31.55
CA PHE C 132 -16.47 16.77 -31.56
C PHE C 132 -16.93 16.27 -32.92
N ILE C 133 -16.01 15.74 -33.72
CA ILE C 133 -16.34 15.28 -35.06
C ILE C 133 -15.70 13.95 -35.44
N ASP C 134 -16.12 13.38 -36.56
CA ASP C 134 -15.54 12.13 -37.05
C ASP C 134 -14.20 12.44 -37.69
N ALA C 135 -13.35 11.42 -37.85
CA ALA C 135 -12.04 11.59 -38.49
C ALA C 135 -12.37 11.75 -39.95
N ASP C 136 -12.93 12.92 -40.26
CA ASP C 136 -13.41 13.24 -41.58
C ASP C 136 -12.87 14.60 -42.07
N GLU C 137 -12.23 14.61 -43.22
CA GLU C 137 -11.65 15.84 -43.74
C GLU C 137 -12.66 16.91 -44.08
N GLU C 138 -13.84 16.53 -44.52
CA GLU C 138 -14.86 17.51 -44.83
C GLU C 138 -15.30 18.17 -43.54
N GLN C 139 -15.51 17.38 -42.50
CA GLN C 139 -15.93 17.94 -41.23
C GLN C 139 -14.79 18.73 -40.63
N ILE C 140 -13.58 18.23 -40.77
CA ILE C 140 -12.40 18.91 -40.24
C ILE C 140 -12.19 20.27 -40.90
N LYS C 141 -12.33 20.33 -42.22
CA LYS C 141 -12.16 21.61 -42.94
C LYS C 141 -13.26 22.58 -42.51
N ALA C 142 -14.48 22.06 -42.37
CA ALA C 142 -15.58 22.90 -41.96
C ALA C 142 -15.36 23.46 -40.56
N ALA C 143 -14.77 22.64 -39.69
CA ALA C 143 -14.53 23.07 -38.32
C ALA C 143 -13.62 24.28 -38.32
N ALA C 144 -12.54 24.20 -39.09
CA ALA C 144 -11.61 25.30 -39.16
C ALA C 144 -12.29 26.55 -39.72
N GLU C 145 -13.15 26.36 -40.71
CA GLU C 145 -13.82 27.50 -41.35
C GLU C 145 -14.85 28.19 -40.48
N VAL C 146 -15.56 27.43 -39.64
CA VAL C 146 -16.55 28.08 -38.77
C VAL C 146 -15.83 28.81 -37.64
N GLY C 147 -14.51 28.68 -37.59
CA GLY C 147 -13.72 29.38 -36.58
C GLY C 147 -13.36 28.73 -35.25
N ALA C 148 -13.71 27.47 -35.05
CA ALA C 148 -13.40 26.79 -33.78
C ALA C 148 -11.89 26.53 -33.66
N PRO C 149 -11.32 26.75 -32.45
CA PRO C 149 -9.88 26.53 -32.24
C PRO C 149 -9.48 25.05 -32.04
N PHE C 150 -10.41 24.25 -31.54
CA PHE C 150 -10.14 22.84 -31.30
C PHE C 150 -11.14 21.92 -32.00
N ILE C 151 -10.72 20.67 -32.14
CA ILE C 151 -11.62 19.64 -32.63
C ILE C 151 -11.26 18.43 -31.77
N GLU C 152 -12.21 17.55 -31.56
CA GLU C 152 -11.94 16.35 -30.81
C GLU C 152 -12.37 15.24 -31.72
N ILE C 153 -11.42 14.44 -32.19
CA ILE C 153 -11.71 13.36 -33.08
C ILE C 153 -12.34 12.16 -32.40
N HIS C 154 -13.51 11.77 -32.90
CA HIS C 154 -14.22 10.63 -32.39
C HIS C 154 -13.38 9.36 -32.57
N THR C 155 -12.99 8.72 -31.46
CA THR C 155 -12.17 7.50 -31.51
C THR C 155 -13.05 6.28 -31.33
N GLY C 156 -14.36 6.51 -31.34
CA GLY C 156 -15.34 5.44 -31.19
C GLY C 156 -15.21 4.27 -32.15
N CYS C 157 -15.16 4.55 -33.46
CA CYS C 157 -15.05 3.50 -34.46
C CYS C 157 -13.70 2.75 -34.38
N TYR C 158 -12.67 3.42 -33.88
CA TYR C 158 -11.37 2.77 -33.72
C TYR C 158 -11.52 1.81 -32.56
N ALA C 159 -12.17 2.28 -31.51
CA ALA C 159 -12.40 1.47 -30.32
C ALA C 159 -13.26 0.25 -30.62
N ASP C 160 -14.36 0.45 -31.33
CA ASP C 160 -15.27 -0.65 -31.64
C ASP C 160 -14.80 -1.60 -32.74
N ALA C 161 -13.68 -1.29 -33.38
CA ALA C 161 -13.14 -2.15 -34.44
C ALA C 161 -13.35 -3.60 -34.04
N LYS C 162 -13.82 -4.43 -34.97
CA LYS C 162 -14.06 -5.82 -34.63
C LYS C 162 -12.90 -6.75 -35.00
N THR C 163 -12.00 -6.28 -35.85
CA THR C 163 -10.83 -7.06 -36.28
C THR C 163 -9.58 -6.17 -36.24
N ASP C 164 -8.40 -6.75 -36.39
CA ASP C 164 -7.16 -5.96 -36.37
C ASP C 164 -7.06 -5.06 -37.60
N ALA C 165 -7.63 -5.53 -38.70
CA ALA C 165 -7.60 -4.80 -39.95
C ALA C 165 -8.46 -3.56 -39.80
N GLU C 166 -9.65 -3.77 -39.27
CA GLU C 166 -10.60 -2.70 -39.07
C GLU C 166 -9.98 -1.65 -38.15
N GLN C 167 -9.23 -2.11 -37.15
CA GLN C 167 -8.58 -1.21 -36.20
C GLN C 167 -7.43 -0.41 -36.82
N ALA C 168 -6.56 -1.07 -37.58
CA ALA C 168 -5.44 -0.39 -38.22
C ALA C 168 -5.95 0.62 -39.24
N GLN C 169 -7.05 0.27 -39.90
CA GLN C 169 -7.66 1.14 -40.89
C GLN C 169 -8.20 2.39 -40.17
N GLU C 170 -8.87 2.17 -39.04
CA GLU C 170 -9.42 3.25 -38.26
C GLU C 170 -8.33 4.13 -37.64
N LEU C 171 -7.22 3.49 -37.28
CA LEU C 171 -6.10 4.20 -36.70
C LEU C 171 -5.54 5.18 -37.73
N ALA C 172 -5.33 4.68 -38.94
CA ALA C 172 -4.79 5.48 -40.02
C ALA C 172 -5.72 6.62 -40.38
N ARG C 173 -7.02 6.36 -40.39
CA ARG C 173 -7.98 7.40 -40.71
C ARG C 173 -7.86 8.51 -39.66
N ILE C 174 -7.70 8.13 -38.39
CA ILE C 174 -7.54 9.08 -37.29
C ILE C 174 -6.22 9.84 -37.37
N ALA C 175 -5.11 9.12 -37.50
CA ALA C 175 -3.81 9.78 -37.57
C ALA C 175 -3.78 10.77 -38.73
N LYS C 176 -4.22 10.29 -39.88
CA LYS C 176 -4.26 11.09 -41.09
C LYS C 176 -5.14 12.33 -40.88
N ALA C 177 -6.28 12.14 -40.20
CA ALA C 177 -7.23 13.24 -39.94
C ALA C 177 -6.58 14.31 -39.07
N ALA C 178 -5.85 13.86 -38.05
CA ALA C 178 -5.15 14.74 -37.11
C ALA C 178 -4.08 15.59 -37.82
N THR C 179 -3.33 14.99 -38.72
CA THR C 179 -2.29 15.70 -39.45
C THR C 179 -2.94 16.81 -40.31
N PHE C 180 -4.02 16.44 -40.99
CA PHE C 180 -4.75 17.38 -41.83
C PHE C 180 -5.31 18.54 -41.01
N ALA C 181 -5.92 18.22 -39.86
CA ALA C 181 -6.47 19.26 -39.00
C ALA C 181 -5.37 20.21 -38.50
N ALA C 182 -4.28 19.66 -37.99
CA ALA C 182 -3.19 20.50 -37.53
C ALA C 182 -2.75 21.45 -38.66
N SER C 183 -2.68 20.94 -39.90
CA SER C 183 -2.25 21.78 -41.03
C SER C 183 -3.20 22.98 -41.27
N LEU C 184 -4.46 22.83 -40.89
CA LEU C 184 -5.42 23.91 -41.03
C LEU C 184 -5.33 24.81 -39.79
N GLY C 185 -4.33 24.56 -38.94
CA GLY C 185 -4.16 25.35 -37.73
C GLY C 185 -5.04 24.97 -36.54
N LEU C 186 -5.79 23.88 -36.64
CA LEU C 186 -6.63 23.49 -35.52
C LEU C 186 -5.78 22.76 -34.49
N LYS C 187 -6.19 22.81 -33.23
CA LYS C 187 -5.50 22.06 -32.20
C LYS C 187 -6.42 20.85 -32.09
N VAL C 188 -5.86 19.65 -31.95
CA VAL C 188 -6.67 18.44 -31.91
C VAL C 188 -6.60 17.49 -30.71
N ASN C 189 -7.79 17.11 -30.24
CA ASN C 189 -8.00 16.18 -29.13
C ASN C 189 -8.68 14.92 -29.67
N ALA C 190 -8.78 13.91 -28.81
CA ALA C 190 -9.42 12.67 -29.19
C ALA C 190 -10.00 12.08 -27.92
N GLY C 191 -10.96 11.20 -28.10
CA GLY C 191 -11.58 10.59 -26.95
C GLY C 191 -12.85 9.94 -27.39
N HIS C 192 -13.27 8.97 -26.58
CA HIS C 192 -14.46 8.18 -26.78
C HIS C 192 -14.08 6.76 -27.03
N GLY C 193 -14.34 5.91 -26.06
CA GLY C 193 -14.02 4.51 -26.21
C GLY C 193 -12.59 4.15 -25.89
N LEU C 194 -11.76 5.14 -25.59
CA LEU C 194 -10.36 4.84 -25.27
C LEU C 194 -10.25 3.96 -24.03
N THR C 195 -9.41 2.93 -24.13
CA THR C 195 -9.26 2.01 -23.02
C THR C 195 -7.80 1.80 -22.69
N TYR C 196 -7.59 1.04 -21.61
CA TYR C 196 -6.24 0.74 -21.19
C TYR C 196 -5.49 -0.04 -22.26
N HIS C 197 -6.17 -0.85 -23.04
CA HIS C 197 -5.48 -1.63 -24.08
C HIS C 197 -5.46 -1.01 -25.49
N ASN C 198 -6.11 0.12 -25.70
CA ASN C 198 -6.09 0.72 -27.01
C ASN C 198 -5.66 2.17 -27.05
N VAL C 199 -5.41 2.77 -25.88
CA VAL C 199 -5.04 4.18 -25.79
C VAL C 199 -3.68 4.55 -26.37
N LYS C 200 -2.70 3.69 -26.18
CA LYS C 200 -1.35 3.99 -26.66
C LYS C 200 -1.19 4.35 -28.14
N ALA C 201 -1.80 3.57 -29.03
CA ALA C 201 -1.67 3.86 -30.45
C ALA C 201 -2.23 5.24 -30.76
N ILE C 202 -3.23 5.66 -30.00
CA ILE C 202 -3.84 6.99 -30.20
C ILE C 202 -2.95 8.05 -29.56
N ALA C 203 -2.40 7.73 -28.39
CA ALA C 203 -1.53 8.70 -27.72
C ALA C 203 -0.24 8.87 -28.51
N ALA C 204 0.13 7.86 -29.31
CA ALA C 204 1.35 7.96 -30.12
C ALA C 204 1.24 9.04 -31.19
N ILE C 205 0.03 9.36 -31.62
CA ILE C 205 -0.20 10.37 -32.66
C ILE C 205 0.29 11.73 -32.14
N PRO C 206 1.34 12.29 -32.76
CA PRO C 206 1.97 13.56 -32.40
C PRO C 206 1.06 14.78 -32.33
N GLU C 207 0.15 14.90 -33.27
CA GLU C 207 -0.76 16.06 -33.27
C GLU C 207 -1.69 16.12 -32.07
N MET C 208 -1.97 14.98 -31.45
CA MET C 208 -2.90 14.95 -30.31
C MET C 208 -2.47 15.88 -29.20
N HIS C 209 -3.41 16.72 -28.77
CA HIS C 209 -3.15 17.67 -27.69
C HIS C 209 -3.65 17.12 -26.34
N GLU C 210 -4.82 16.52 -26.33
CA GLU C 210 -5.35 15.98 -25.10
C GLU C 210 -6.34 14.87 -25.39
N LEU C 211 -6.33 13.83 -24.57
CA LEU C 211 -7.27 12.73 -24.73
C LEU C 211 -8.28 12.82 -23.60
N ASN C 212 -9.55 12.77 -23.96
CA ASN C 212 -10.61 12.84 -22.97
C ASN C 212 -11.13 11.42 -22.81
N ILE C 213 -11.00 10.89 -21.61
CA ILE C 213 -11.39 9.53 -21.35
C ILE C 213 -12.27 9.42 -20.13
N GLY C 214 -13.33 8.62 -20.25
CA GLY C 214 -14.25 8.48 -19.16
C GLY C 214 -14.55 7.06 -18.72
N HIS C 215 -15.50 6.44 -19.40
CA HIS C 215 -15.93 5.11 -19.04
C HIS C 215 -14.84 4.12 -18.65
N ALA C 216 -13.82 3.94 -19.49
CA ALA C 216 -12.79 2.94 -19.13
C ALA C 216 -12.17 3.21 -17.77
N ILE C 217 -11.91 4.48 -17.48
CA ILE C 217 -11.30 4.89 -16.22
C ILE C 217 -12.21 4.57 -15.06
N ILE C 218 -13.47 4.99 -15.12
CA ILE C 218 -14.39 4.70 -14.05
C ILE C 218 -14.59 3.20 -13.88
N GLY C 219 -14.63 2.47 -14.99
CA GLY C 219 -14.83 1.03 -14.96
C GLY C 219 -13.68 0.33 -14.24
N ARG C 220 -12.49 0.93 -14.29
CA ARG C 220 -11.34 0.37 -13.62
C ARG C 220 -11.36 0.81 -12.15
N ALA C 221 -11.79 2.03 -11.92
CA ALA C 221 -11.84 2.58 -10.57
C ALA C 221 -12.65 1.73 -9.62
N VAL C 222 -13.81 1.22 -10.07
CA VAL C 222 -14.61 0.42 -9.16
C VAL C 222 -13.80 -0.74 -8.62
N MET C 223 -12.86 -1.24 -9.40
CA MET C 223 -12.06 -2.38 -8.96
C MET C 223 -10.84 -1.94 -8.20
N THR C 224 -10.24 -0.89 -8.69
CA THR C 224 -8.96 -0.44 -8.22
C THR C 224 -8.83 0.90 -7.47
N GLY C 225 -9.86 1.73 -7.55
CA GLY C 225 -9.80 3.04 -6.92
C GLY C 225 -9.49 4.05 -8.01
N LEU C 226 -10.18 5.19 -7.98
CA LEU C 226 -10.00 6.22 -9.00
C LEU C 226 -8.53 6.65 -9.13
N LYS C 227 -7.87 6.98 -8.02
CA LYS C 227 -6.48 7.41 -8.10
C LYS C 227 -5.60 6.54 -9.00
N ASP C 228 -5.54 5.25 -8.73
CA ASP C 228 -4.70 4.39 -9.56
C ASP C 228 -5.22 4.26 -10.97
N ALA C 229 -6.53 4.22 -11.12
CA ALA C 229 -7.11 4.11 -12.43
C ALA C 229 -6.65 5.30 -13.28
N VAL C 230 -6.60 6.49 -12.70
CA VAL C 230 -6.17 7.66 -13.48
C VAL C 230 -4.66 7.67 -13.72
N ALA C 231 -3.88 7.37 -12.69
CA ALA C 231 -2.43 7.35 -12.82
C ALA C 231 -1.97 6.31 -13.84
N GLU C 232 -2.68 5.19 -13.89
CA GLU C 232 -2.36 4.14 -14.82
C GLU C 232 -2.56 4.61 -16.26
N MET C 233 -3.71 5.24 -16.52
CA MET C 233 -4.00 5.76 -17.85
C MET C 233 -2.95 6.80 -18.25
N LYS C 234 -2.66 7.75 -17.36
CA LYS C 234 -1.67 8.79 -17.67
C LYS C 234 -0.31 8.20 -18.02
N ARG C 235 0.12 7.19 -17.26
CA ARG C 235 1.39 6.48 -17.46
C ARG C 235 1.47 5.82 -18.85
N LEU C 236 0.40 5.13 -19.26
CA LEU C 236 0.36 4.48 -20.56
C LEU C 236 0.45 5.55 -21.64
N MET C 237 -0.25 6.66 -21.44
CA MET C 237 -0.22 7.74 -22.42
C MET C 237 1.17 8.33 -22.57
N LEU C 238 1.84 8.63 -21.47
CA LEU C 238 3.17 9.19 -21.62
C LEU C 238 4.16 8.15 -22.15
N GLU C 239 3.94 6.89 -21.84
CA GLU C 239 4.82 5.84 -22.35
C GLU C 239 4.76 5.81 -23.87
N ALA C 240 3.53 5.86 -24.40
CA ALA C 240 3.30 5.84 -25.85
C ALA C 240 4.06 6.94 -26.58
N ARG C 241 4.18 8.11 -25.94
CA ARG C 241 4.90 9.22 -26.54
C ARG C 241 6.40 9.13 -26.30
N GLY C 242 6.84 8.22 -25.46
CA GLY C 242 8.26 8.09 -25.22
C GLY C 242 8.90 6.99 -26.05
N ALA D 1 -5.83 -20.52 26.05
CA ALA D 1 -4.99 -19.32 25.75
C ALA D 1 -4.96 -19.06 24.24
N GLU D 2 -3.89 -18.44 23.76
CA GLU D 2 -3.75 -18.13 22.34
C GLU D 2 -3.95 -19.31 21.40
N LEU D 3 -4.88 -19.18 20.44
CA LEU D 3 -5.10 -20.22 19.44
C LEU D 3 -3.95 -20.00 18.46
N LEU D 4 -3.21 -21.05 18.11
CA LEU D 4 -2.08 -20.90 17.20
C LEU D 4 -2.39 -21.28 15.75
N LEU D 5 -1.62 -20.68 14.84
CA LEU D 5 -1.75 -20.96 13.41
C LEU D 5 -0.48 -21.56 12.83
N GLY D 6 -0.60 -22.79 12.34
CA GLY D 6 0.52 -23.46 11.70
C GLY D 6 0.24 -23.39 10.20
N VAL D 7 1.20 -22.86 9.44
CA VAL D 7 1.01 -22.75 8.02
C VAL D 7 1.71 -23.87 7.29
N ASN D 8 0.97 -24.56 6.43
CA ASN D 8 1.54 -25.63 5.64
C ASN D 8 1.87 -25.06 4.27
N ILE D 9 3.16 -25.10 3.95
CA ILE D 9 3.69 -24.56 2.70
C ILE D 9 3.98 -25.59 1.62
N ASP D 10 3.45 -26.81 1.77
CA ASP D 10 3.68 -27.85 0.76
C ASP D 10 3.39 -27.33 -0.65
N HIS D 11 2.29 -26.62 -0.81
CA HIS D 11 1.92 -26.16 -2.14
C HIS D 11 2.79 -25.10 -2.76
N ILE D 12 3.77 -24.61 -2.02
CA ILE D 12 4.68 -23.66 -2.59
C ILE D 12 5.58 -24.57 -3.41
N ALA D 13 6.01 -25.68 -2.81
CA ALA D 13 6.85 -26.69 -3.46
C ALA D 13 6.12 -27.34 -4.63
N THR D 14 4.81 -27.50 -4.48
CA THR D 14 3.98 -28.08 -5.52
C THR D 14 4.11 -27.23 -6.77
N LEU D 15 4.06 -25.92 -6.58
CA LEU D 15 4.18 -24.99 -7.69
C LEU D 15 5.60 -25.04 -8.25
N ARG D 16 6.59 -25.18 -7.37
CA ARG D 16 7.98 -25.22 -7.81
C ARG D 16 8.26 -26.44 -8.66
N ASN D 17 7.97 -27.59 -8.06
CA ASN D 17 8.19 -28.88 -8.70
C ASN D 17 7.49 -29.12 -10.03
N ALA D 18 6.53 -28.26 -10.37
CA ALA D 18 5.81 -28.41 -11.63
C ALA D 18 6.68 -27.97 -12.80
N ARG D 19 7.89 -27.52 -12.53
CA ARG D 19 8.74 -27.05 -13.62
C ARG D 19 10.23 -27.32 -13.43
N GLY D 20 10.60 -28.01 -12.36
CA GLY D 20 12.02 -28.28 -12.18
C GLY D 20 12.92 -27.08 -11.92
N THR D 21 12.34 -25.90 -11.74
CA THR D 21 13.09 -24.68 -11.43
C THR D 21 13.24 -24.62 -9.89
N ALA D 22 13.93 -23.62 -9.37
CA ALA D 22 14.07 -23.53 -7.92
C ALA D 22 13.01 -22.66 -7.25
N TYR D 23 12.31 -21.84 -8.04
CA TYR D 23 11.28 -20.94 -7.54
C TYR D 23 9.88 -21.46 -7.81
N PRO D 24 8.92 -21.16 -6.91
CA PRO D 24 9.15 -20.40 -5.67
C PRO D 24 9.78 -21.32 -4.61
N ASP D 25 10.59 -20.73 -3.73
CA ASP D 25 11.30 -21.47 -2.70
C ASP D 25 10.54 -21.48 -1.39
N PRO D 26 10.21 -22.68 -0.89
CA PRO D 26 9.48 -22.84 0.38
C PRO D 26 10.15 -22.07 1.52
N VAL D 27 11.48 -21.98 1.47
CA VAL D 27 12.25 -21.31 2.51
C VAL D 27 11.82 -19.82 2.61
N GLN D 28 11.57 -19.18 1.47
CA GLN D 28 11.14 -17.77 1.48
C GLN D 28 9.74 -17.68 2.05
N ALA D 29 8.85 -18.55 1.60
CA ALA D 29 7.47 -18.56 2.06
C ALA D 29 7.36 -18.68 3.60
N ALA D 30 8.26 -19.47 4.19
CA ALA D 30 8.27 -19.66 5.63
C ALA D 30 8.64 -18.39 6.40
N PHE D 31 9.60 -17.64 5.88
CA PHE D 31 10.00 -16.39 6.54
C PHE D 31 8.78 -15.46 6.55
N ILE D 32 8.12 -15.35 5.40
CA ILE D 32 6.93 -14.49 5.24
C ILE D 32 5.79 -14.89 6.18
N ALA D 33 5.50 -16.18 6.23
CA ALA D 33 4.41 -16.69 7.07
C ALA D 33 4.68 -16.47 8.56
N GLU D 34 5.91 -16.72 9.00
CA GLU D 34 6.30 -16.56 10.40
C GLU D 34 6.22 -15.09 10.85
N GLN D 35 6.32 -14.16 9.91
CA GLN D 35 6.24 -12.76 10.27
C GLN D 35 4.87 -12.16 9.97
N ALA D 36 3.88 -13.00 9.66
CA ALA D 36 2.54 -12.53 9.31
C ALA D 36 1.39 -13.22 10.06
N GLY D 37 1.72 -13.97 11.11
CA GLY D 37 0.68 -14.63 11.87
C GLY D 37 0.89 -16.12 12.12
N ALA D 38 1.83 -16.74 11.44
CA ALA D 38 2.05 -18.17 11.66
C ALA D 38 2.86 -18.32 12.93
N ASP D 39 2.51 -19.32 13.73
CA ASP D 39 3.19 -19.58 15.00
C ASP D 39 4.02 -20.83 14.77
N GLY D 40 3.79 -21.48 13.63
CA GLY D 40 4.55 -22.65 13.28
C GLY D 40 4.51 -22.90 11.77
N ILE D 41 5.40 -23.74 11.29
CA ILE D 41 5.42 -24.09 9.87
C ILE D 41 5.34 -25.60 9.72
N THR D 42 4.49 -26.05 8.80
CA THR D 42 4.29 -27.45 8.58
C THR D 42 4.68 -27.83 7.16
N VAL D 43 5.42 -28.92 7.04
CA VAL D 43 5.80 -29.45 5.74
C VAL D 43 5.61 -30.96 5.76
N HIS D 44 5.03 -31.50 4.70
CA HIS D 44 4.84 -32.92 4.63
C HIS D 44 5.92 -33.53 3.71
N LEU D 45 6.83 -34.29 4.32
CA LEU D 45 7.90 -34.95 3.58
C LEU D 45 7.34 -36.26 3.05
N ARG D 46 6.82 -36.25 1.83
CA ARG D 46 6.24 -37.43 1.24
C ARG D 46 7.36 -38.37 0.78
N GLU D 47 7.12 -39.67 0.91
CA GLU D 47 8.10 -40.68 0.52
C GLU D 47 8.57 -40.52 -0.93
N ASP D 48 7.68 -40.02 -1.79
CA ASP D 48 7.99 -39.82 -3.21
C ASP D 48 8.58 -38.43 -3.49
N ARG D 49 8.84 -37.67 -2.44
CA ARG D 49 9.40 -36.33 -2.58
C ARG D 49 8.73 -35.53 -3.71
N ARG D 50 7.41 -35.68 -3.78
CA ARG D 50 6.56 -35.00 -4.76
C ARG D 50 6.77 -33.48 -4.68
N HIS D 51 6.41 -32.89 -3.54
CA HIS D 51 6.57 -31.46 -3.34
C HIS D 51 7.80 -31.12 -2.47
N ILE D 52 7.65 -31.17 -1.16
CA ILE D 52 8.75 -30.87 -0.24
C ILE D 52 9.91 -31.88 -0.39
N THR D 53 11.13 -31.39 -0.38
CA THR D 53 12.27 -32.29 -0.53
C THR D 53 13.14 -32.28 0.72
N ASP D 54 14.15 -33.13 0.71
CA ASP D 54 15.08 -33.24 1.82
C ASP D 54 15.88 -31.95 1.99
N ARG D 55 16.22 -31.25 0.89
CA ARG D 55 16.96 -30.01 1.10
C ARG D 55 15.99 -29.05 1.78
N ASP D 56 14.74 -29.02 1.33
CA ASP D 56 13.74 -28.12 1.94
C ASP D 56 13.74 -28.32 3.45
N VAL D 57 13.59 -29.57 3.87
CA VAL D 57 13.57 -29.89 5.28
C VAL D 57 14.88 -29.50 5.96
N ARG D 58 15.99 -29.91 5.35
CA ARG D 58 17.30 -29.60 5.91
C ARG D 58 17.50 -28.09 6.12
N ILE D 59 17.27 -27.28 5.08
CA ILE D 59 17.44 -25.83 5.16
C ILE D 59 16.42 -25.18 6.09
N LEU D 60 15.16 -25.56 5.93
CA LEU D 60 14.07 -25.03 6.75
C LEU D 60 14.39 -25.24 8.24
N ARG D 61 14.89 -26.42 8.57
CA ARG D 61 15.23 -26.72 9.95
C ARG D 61 16.26 -25.73 10.48
N GLN D 62 17.00 -25.11 9.58
CA GLN D 62 18.01 -24.13 9.99
C GLN D 62 17.54 -22.68 9.87
N THR D 63 16.48 -22.44 9.10
CA THR D 63 16.00 -21.07 8.92
C THR D 63 14.72 -20.70 9.67
N LEU D 64 13.86 -21.66 9.99
CA LEU D 64 12.63 -21.37 10.73
C LEU D 64 12.92 -20.63 12.03
N ASP D 65 12.16 -19.57 12.27
CA ASP D 65 12.35 -18.79 13.47
C ASP D 65 11.49 -19.34 14.61
N THR D 66 10.37 -19.96 14.26
CA THR D 66 9.47 -20.53 15.23
C THR D 66 9.79 -22.04 15.33
N ARG D 67 8.89 -22.91 14.89
CA ARG D 67 9.21 -24.33 14.92
C ARG D 67 8.56 -25.15 13.82
N MET D 68 9.22 -26.25 13.48
CA MET D 68 8.73 -27.11 12.43
C MET D 68 7.79 -28.21 12.92
N ASN D 69 6.78 -28.49 12.11
CA ASN D 69 5.86 -29.57 12.36
C ASN D 69 5.99 -30.45 11.13
N LEU D 70 6.66 -31.58 11.31
CA LEU D 70 6.91 -32.53 10.22
C LEU D 70 5.76 -33.50 9.95
N GLU D 71 5.07 -33.39 8.82
CA GLU D 71 4.02 -34.38 8.54
C GLU D 71 4.74 -35.53 7.85
N MET D 72 4.38 -36.76 8.22
CA MET D 72 5.03 -37.92 7.63
C MET D 72 4.26 -39.21 7.88
N ALA D 73 4.48 -40.20 7.03
CA ALA D 73 3.83 -41.50 7.17
C ALA D 73 4.72 -42.27 8.14
N VAL D 74 4.17 -43.32 8.76
CA VAL D 74 4.94 -44.11 9.70
C VAL D 74 5.68 -45.23 8.97
N THR D 75 6.97 -45.02 8.79
CA THR D 75 7.86 -45.97 8.14
C THR D 75 9.24 -45.71 8.76
N GLU D 76 10.11 -46.71 8.72
CA GLU D 76 11.44 -46.60 9.30
C GLU D 76 12.24 -45.47 8.70
N GLU D 77 12.11 -45.30 7.39
CA GLU D 77 12.80 -44.23 6.69
C GLU D 77 12.44 -42.91 7.36
N MET D 78 11.14 -42.62 7.44
CA MET D 78 10.65 -41.39 8.02
C MET D 78 11.03 -41.21 9.50
N LEU D 79 10.92 -42.28 10.28
CA LEU D 79 11.27 -42.19 11.68
C LEU D 79 12.75 -41.83 11.83
N ALA D 80 13.59 -42.42 11.00
CA ALA D 80 15.01 -42.12 11.08
C ALA D 80 15.23 -40.64 10.74
N ILE D 81 14.59 -40.17 9.68
CA ILE D 81 14.71 -38.78 9.27
C ILE D 81 14.23 -37.88 10.40
N ALA D 82 13.00 -38.12 10.86
CA ALA D 82 12.43 -37.31 11.94
C ALA D 82 13.39 -37.27 13.13
N VAL D 83 13.84 -38.45 13.57
CA VAL D 83 14.75 -38.54 14.70
C VAL D 83 16.04 -37.77 14.50
N GLU D 84 16.60 -37.89 13.31
CA GLU D 84 17.84 -37.20 12.98
C GLU D 84 17.57 -35.71 12.83
N THR D 85 16.39 -35.38 12.31
CA THR D 85 16.01 -33.98 12.09
C THR D 85 15.64 -33.21 13.37
N LYS D 86 15.07 -33.90 14.36
CA LYS D 86 14.66 -33.27 15.62
C LYS D 86 13.69 -32.08 15.43
N PRO D 87 12.59 -32.30 14.70
CA PRO D 87 11.65 -31.19 14.51
C PRO D 87 10.92 -31.02 15.84
N HIS D 88 10.39 -29.84 16.13
CA HIS D 88 9.67 -29.67 17.40
C HIS D 88 8.46 -30.61 17.46
N PHE D 89 7.70 -30.67 16.36
CA PHE D 89 6.52 -31.53 16.23
C PHE D 89 6.61 -32.50 15.05
N CYS D 90 5.80 -33.54 15.14
CA CYS D 90 5.69 -34.58 14.12
C CYS D 90 4.24 -34.95 14.10
N CYS D 91 3.65 -34.96 12.93
CA CYS D 91 2.25 -35.32 12.81
C CYS D 91 2.25 -36.51 11.86
N LEU D 92 1.96 -37.69 12.42
CA LEU D 92 1.91 -38.93 11.66
C LEU D 92 0.63 -39.00 10.85
N VAL D 93 0.79 -39.17 9.55
CA VAL D 93 -0.35 -39.23 8.64
C VAL D 93 -0.24 -40.47 7.76
N PRO D 94 -1.39 -40.92 7.23
CA PRO D 94 -1.45 -42.09 6.36
C PRO D 94 -0.91 -41.78 4.95
N GLU D 95 -0.16 -42.72 4.38
CA GLU D 95 0.38 -42.55 3.01
C GLU D 95 0.21 -43.85 2.24
N GLU D 103 -12.41 -42.27 5.88
CA GLU D 103 -12.44 -40.79 5.82
C GLU D 103 -11.11 -40.15 5.38
N GLY D 104 -10.00 -40.72 5.81
CA GLY D 104 -8.69 -40.17 5.44
C GLY D 104 -7.74 -40.07 6.61
N GLY D 105 -8.23 -40.34 7.81
CA GLY D 105 -7.38 -40.28 8.97
C GLY D 105 -6.49 -41.51 9.08
N LEU D 106 -5.50 -41.42 9.96
CA LEU D 106 -4.54 -42.49 10.22
C LEU D 106 -5.27 -43.57 11.02
N ASP D 107 -5.11 -44.82 10.62
CA ASP D 107 -5.77 -45.92 11.33
C ASP D 107 -4.92 -46.33 12.53
N VAL D 108 -5.08 -45.61 13.63
CA VAL D 108 -4.31 -45.89 14.84
C VAL D 108 -4.82 -47.15 15.53
N ALA D 109 -6.14 -47.27 15.64
CA ALA D 109 -6.74 -48.42 16.29
C ALA D 109 -6.23 -49.69 15.62
N GLY D 110 -6.34 -49.74 14.30
CA GLY D 110 -5.89 -50.91 13.56
C GLY D 110 -4.40 -51.20 13.57
N GLN D 111 -3.59 -50.35 14.17
CA GLN D 111 -2.15 -50.59 14.19
C GLN D 111 -1.54 -50.16 15.51
N ARG D 112 -2.23 -50.44 16.61
CA ARG D 112 -1.76 -50.06 17.93
C ARG D 112 -0.27 -50.31 18.21
N ASP D 113 0.25 -51.44 17.75
CA ASP D 113 1.66 -51.75 17.99
C ASP D 113 2.60 -50.77 17.31
N LYS D 114 2.44 -50.65 16.00
CA LYS D 114 3.25 -49.75 15.20
C LYS D 114 3.31 -48.33 15.75
N MET D 115 2.14 -47.76 16.07
CA MET D 115 2.09 -46.41 16.58
C MET D 115 2.70 -46.30 17.97
N ARG D 116 2.45 -47.31 18.79
CA ARG D 116 2.98 -47.29 20.15
C ARG D 116 4.49 -47.16 20.08
N ASP D 117 5.11 -47.85 19.11
CA ASP D 117 6.56 -47.79 18.98
C ASP D 117 7.00 -46.47 18.35
N ALA D 118 6.20 -46.01 17.40
CA ALA D 118 6.46 -44.74 16.72
C ALA D 118 6.47 -43.61 17.75
N CYS D 119 5.39 -43.50 18.52
CA CYS D 119 5.28 -42.44 19.52
C CYS D 119 6.41 -42.43 20.52
N LYS D 120 6.72 -43.60 21.06
CA LYS D 120 7.78 -43.76 22.05
C LYS D 120 9.13 -43.37 21.45
N ARG D 121 9.39 -43.92 20.26
CA ARG D 121 10.62 -43.66 19.52
C ARG D 121 10.82 -42.16 19.27
N LEU D 122 9.78 -41.51 18.71
CA LEU D 122 9.85 -40.09 18.42
C LEU D 122 10.00 -39.28 19.70
N ALA D 123 9.35 -39.72 20.78
CA ALA D 123 9.41 -39.00 22.04
C ALA D 123 10.79 -39.08 22.69
N ASP D 124 11.48 -40.20 22.53
CA ASP D 124 12.81 -40.30 23.13
C ASP D 124 13.69 -39.24 22.46
N ALA D 125 13.41 -38.97 21.20
CA ALA D 125 14.15 -37.97 20.43
C ALA D 125 13.75 -36.54 20.80
N GLY D 126 12.81 -36.39 21.72
CA GLY D 126 12.38 -35.07 22.13
C GLY D 126 11.39 -34.41 21.16
N ILE D 127 10.74 -35.24 20.33
CA ILE D 127 9.77 -34.77 19.36
C ILE D 127 8.35 -34.95 19.92
N GLN D 128 7.54 -33.89 19.89
CA GLN D 128 6.16 -34.01 20.37
C GLN D 128 5.38 -34.62 19.23
N VAL D 129 4.60 -35.65 19.53
CA VAL D 129 3.88 -36.34 18.48
C VAL D 129 2.40 -36.11 18.46
N SER D 130 1.89 -35.93 17.25
CA SER D 130 0.49 -35.75 17.00
C SER D 130 0.07 -36.78 15.95
N LEU D 131 -1.10 -37.39 16.17
CA LEU D 131 -1.62 -38.39 15.25
C LEU D 131 -2.81 -37.78 14.49
N PHE D 132 -2.70 -37.77 13.17
CA PHE D 132 -3.76 -37.21 12.32
C PHE D 132 -4.91 -38.22 12.25
N ILE D 133 -6.04 -37.92 12.90
CA ILE D 133 -7.15 -38.88 12.88
C ILE D 133 -8.53 -38.29 12.57
N ASP D 134 -9.50 -39.18 12.31
CA ASP D 134 -10.88 -38.79 12.01
C ASP D 134 -11.54 -38.50 13.34
N ALA D 135 -12.61 -37.71 13.34
CA ALA D 135 -13.33 -37.39 14.56
C ALA D 135 -14.14 -38.63 14.97
N ASP D 136 -13.40 -39.69 15.30
CA ASP D 136 -13.95 -40.98 15.67
C ASP D 136 -13.44 -41.43 17.05
N GLU D 137 -14.35 -41.70 17.98
CA GLU D 137 -13.96 -42.09 19.34
C GLU D 137 -13.04 -43.29 19.43
N GLU D 138 -13.27 -44.26 18.56
CA GLU D 138 -12.43 -45.45 18.54
C GLU D 138 -10.95 -45.02 18.33
N GLN D 139 -10.72 -44.25 17.27
CA GLN D 139 -9.38 -43.78 16.96
C GLN D 139 -8.80 -42.88 18.05
N ILE D 140 -9.63 -42.09 18.68
CA ILE D 140 -9.17 -41.20 19.75
C ILE D 140 -8.76 -41.99 21.00
N LYS D 141 -9.56 -42.99 21.37
CA LYS D 141 -9.23 -43.81 22.52
C LYS D 141 -7.90 -44.45 22.19
N ALA D 142 -7.84 -45.02 20.99
CA ALA D 142 -6.64 -45.67 20.50
C ALA D 142 -5.43 -44.75 20.60
N ALA D 143 -5.61 -43.49 20.20
CA ALA D 143 -4.53 -42.50 20.23
C ALA D 143 -4.08 -42.19 21.65
N ALA D 144 -5.03 -42.18 22.59
CA ALA D 144 -4.68 -41.92 23.98
C ALA D 144 -3.95 -43.14 24.55
N GLU D 145 -4.42 -44.33 24.17
CA GLU D 145 -3.83 -45.56 24.68
C GLU D 145 -2.37 -45.75 24.26
N VAL D 146 -2.08 -45.41 23.01
CA VAL D 146 -0.75 -45.51 22.45
C VAL D 146 0.23 -44.46 23.02
N GLY D 147 -0.29 -43.46 23.73
CA GLY D 147 0.57 -42.46 24.33
C GLY D 147 0.87 -41.14 23.61
N ALA D 148 0.30 -40.95 22.42
CA ALA D 148 0.52 -39.72 21.68
C ALA D 148 0.00 -38.52 22.49
N PRO D 149 0.78 -37.43 22.59
CA PRO D 149 0.36 -36.26 23.35
C PRO D 149 -0.66 -35.36 22.65
N PHE D 150 -0.71 -35.44 21.32
CA PHE D 150 -1.65 -34.63 20.51
C PHE D 150 -2.39 -35.49 19.49
N ILE D 151 -3.52 -34.97 19.01
CA ILE D 151 -4.23 -35.59 17.89
C ILE D 151 -4.57 -34.39 17.02
N GLU D 152 -4.84 -34.62 15.75
CA GLU D 152 -5.23 -33.52 14.88
C GLU D 152 -6.47 -34.05 14.19
N ILE D 153 -7.58 -33.42 14.46
CA ILE D 153 -8.81 -33.87 13.88
C ILE D 153 -8.93 -33.46 12.41
N HIS D 154 -9.21 -34.45 11.58
CA HIS D 154 -9.39 -34.23 10.16
C HIS D 154 -10.67 -33.45 9.89
N THR D 155 -10.55 -32.21 9.46
CA THR D 155 -11.71 -31.36 9.19
C THR D 155 -12.15 -31.41 7.72
N GLY D 156 -11.57 -32.34 6.97
CA GLY D 156 -11.91 -32.47 5.58
C GLY D 156 -13.39 -32.68 5.32
N CYS D 157 -14.02 -33.58 6.08
CA CYS D 157 -15.44 -33.88 5.90
C CYS D 157 -16.28 -32.65 6.20
N TYR D 158 -15.81 -31.84 7.14
CA TYR D 158 -16.51 -30.61 7.49
C TYR D 158 -16.34 -29.62 6.33
N ALA D 159 -15.13 -29.57 5.78
CA ALA D 159 -14.83 -28.67 4.67
C ALA D 159 -15.59 -29.04 3.40
N ASP D 160 -15.74 -30.33 3.16
CA ASP D 160 -16.40 -30.80 1.96
C ASP D 160 -17.90 -30.97 2.13
N ALA D 161 -18.43 -30.52 3.26
CA ALA D 161 -19.86 -30.64 3.52
C ALA D 161 -20.67 -29.78 2.55
N LYS D 162 -21.50 -30.43 1.76
CA LYS D 162 -22.33 -29.73 0.79
C LYS D 162 -23.37 -28.81 1.43
N THR D 163 -24.46 -29.40 1.94
CA THR D 163 -25.54 -28.63 2.56
C THR D 163 -25.16 -28.00 3.90
N ASP D 164 -25.92 -27.01 4.36
CA ASP D 164 -25.62 -26.38 5.64
C ASP D 164 -25.96 -27.30 6.80
N ALA D 165 -26.76 -28.32 6.53
CA ALA D 165 -27.13 -29.29 7.55
C ALA D 165 -25.96 -30.26 7.65
N GLU D 166 -25.65 -30.88 6.51
CA GLU D 166 -24.54 -31.82 6.38
C GLU D 166 -23.32 -31.23 7.08
N GLN D 167 -23.19 -29.91 6.98
CA GLN D 167 -22.07 -29.21 7.59
C GLN D 167 -22.20 -29.06 9.11
N ALA D 168 -23.41 -28.75 9.59
CA ALA D 168 -23.63 -28.59 11.03
C ALA D 168 -23.33 -29.89 11.77
N GLN D 169 -23.68 -31.00 11.14
CA GLN D 169 -23.44 -32.33 11.70
C GLN D 169 -21.95 -32.54 11.88
N GLU D 170 -21.21 -32.20 10.84
CA GLU D 170 -19.77 -32.34 10.87
C GLU D 170 -19.12 -31.45 11.94
N LEU D 171 -19.55 -30.20 12.06
CA LEU D 171 -19.02 -29.30 13.06
C LEU D 171 -19.21 -29.97 14.44
N ALA D 172 -20.46 -30.29 14.75
CA ALA D 172 -20.81 -30.92 16.03
C ALA D 172 -19.95 -32.13 16.30
N ARG D 173 -19.73 -32.94 15.28
CA ARG D 173 -18.93 -34.12 15.44
C ARG D 173 -17.51 -33.75 15.83
N ILE D 174 -17.00 -32.66 15.27
CA ILE D 174 -15.65 -32.27 15.58
C ILE D 174 -15.60 -31.70 16.98
N ALA D 175 -16.62 -30.94 17.36
CA ALA D 175 -16.65 -30.36 18.69
C ALA D 175 -16.79 -31.41 19.79
N LYS D 176 -17.60 -32.42 19.54
CA LYS D 176 -17.78 -33.46 20.53
C LYS D 176 -16.48 -34.25 20.65
N ALA D 177 -15.91 -34.60 19.51
CA ALA D 177 -14.67 -35.33 19.49
C ALA D 177 -13.59 -34.54 20.19
N ALA D 178 -13.62 -33.22 20.01
CA ALA D 178 -12.61 -32.38 20.64
C ALA D 178 -12.76 -32.46 22.14
N THR D 179 -14.00 -32.32 22.61
CA THR D 179 -14.25 -32.37 24.05
C THR D 179 -13.87 -33.74 24.60
N PHE D 180 -14.23 -34.78 23.85
CA PHE D 180 -13.93 -36.14 24.25
C PHE D 180 -12.42 -36.34 24.34
N ALA D 181 -11.71 -35.99 23.28
CA ALA D 181 -10.26 -36.13 23.27
C ALA D 181 -9.63 -35.46 24.50
N ALA D 182 -10.04 -34.23 24.77
CA ALA D 182 -9.52 -33.50 25.91
C ALA D 182 -9.71 -34.26 27.23
N SER D 183 -10.87 -34.90 27.40
CA SER D 183 -11.16 -35.64 28.63
C SER D 183 -10.22 -36.83 28.85
N LEU D 184 -9.47 -37.20 27.83
CA LEU D 184 -8.54 -38.32 27.95
C LEU D 184 -7.11 -37.81 28.09
N GLY D 185 -6.98 -36.50 28.34
CA GLY D 185 -5.66 -35.91 28.51
C GLY D 185 -4.97 -35.55 27.20
N LEU D 186 -5.68 -35.68 26.08
CA LEU D 186 -5.09 -35.34 24.79
C LEU D 186 -5.19 -33.85 24.47
N LYS D 187 -4.17 -33.31 23.81
CA LYS D 187 -4.26 -31.92 23.39
C LYS D 187 -4.73 -32.07 21.94
N VAL D 188 -5.57 -31.17 21.46
CA VAL D 188 -6.08 -31.33 20.11
C VAL D 188 -5.97 -30.19 19.11
N ASN D 189 -5.45 -30.54 17.94
CA ASN D 189 -5.31 -29.61 16.84
C ASN D 189 -6.34 -30.02 15.79
N ALA D 190 -6.45 -29.23 14.75
CA ALA D 190 -7.38 -29.51 13.68
C ALA D 190 -6.81 -28.90 12.43
N GLY D 191 -7.47 -29.12 11.32
CA GLY D 191 -6.98 -28.55 10.10
C GLY D 191 -7.12 -29.57 9.00
N HIS D 192 -6.87 -29.06 7.81
CA HIS D 192 -6.97 -29.75 6.56
C HIS D 192 -8.31 -29.43 5.95
N GLY D 193 -8.26 -28.71 4.84
CA GLY D 193 -9.46 -28.29 4.15
C GLY D 193 -10.02 -27.00 4.73
N LEU D 194 -9.37 -26.43 5.74
CA LEU D 194 -9.88 -25.19 6.35
C LEU D 194 -9.73 -24.02 5.38
N THR D 195 -10.74 -23.16 5.33
CA THR D 195 -10.69 -22.03 4.40
C THR D 195 -11.12 -20.73 5.04
N TYR D 196 -11.00 -19.65 4.30
CA TYR D 196 -11.38 -18.35 4.82
C TYR D 196 -12.81 -18.31 5.24
N HIS D 197 -13.67 -19.04 4.53
CA HIS D 197 -15.07 -19.00 4.88
C HIS D 197 -15.57 -20.03 5.90
N ASN D 198 -14.76 -21.04 6.18
CA ASN D 198 -15.21 -22.04 7.15
C ASN D 198 -14.34 -22.18 8.40
N VAL D 199 -13.27 -21.39 8.52
CA VAL D 199 -12.37 -21.54 9.66
C VAL D 199 -12.87 -21.11 11.04
N LYS D 200 -13.69 -20.06 11.11
CA LYS D 200 -14.17 -19.56 12.40
C LYS D 200 -14.92 -20.54 13.27
N ALA D 201 -15.87 -21.27 12.67
CA ALA D 201 -16.65 -22.24 13.41
C ALA D 201 -15.69 -23.23 14.09
N ILE D 202 -14.59 -23.57 13.41
CA ILE D 202 -13.62 -24.51 14.01
C ILE D 202 -12.75 -23.80 15.05
N ALA D 203 -12.26 -22.61 14.73
CA ALA D 203 -11.42 -21.87 15.67
C ALA D 203 -12.17 -21.58 16.98
N ALA D 204 -13.50 -21.49 16.89
CA ALA D 204 -14.33 -21.21 18.07
C ALA D 204 -14.38 -22.39 19.04
N ILE D 205 -13.99 -23.57 18.57
CA ILE D 205 -13.98 -24.75 19.43
C ILE D 205 -12.85 -24.49 20.43
N PRO D 206 -13.21 -24.36 21.72
CA PRO D 206 -12.29 -24.08 22.81
C PRO D 206 -11.15 -25.04 23.04
N GLU D 207 -11.36 -26.31 22.72
CA GLU D 207 -10.29 -27.26 22.95
C GLU D 207 -9.13 -27.13 21.95
N MET D 208 -9.40 -26.52 20.81
CA MET D 208 -8.40 -26.37 19.77
C MET D 208 -7.16 -25.63 20.25
N HIS D 209 -6.00 -26.23 19.97
CA HIS D 209 -4.72 -25.66 20.36
C HIS D 209 -4.06 -24.99 19.15
N GLU D 210 -4.07 -25.69 18.01
CA GLU D 210 -3.51 -25.12 16.80
C GLU D 210 -4.24 -25.63 15.58
N LEU D 211 -4.44 -24.76 14.60
CA LEU D 211 -5.08 -25.16 13.35
C LEU D 211 -3.98 -25.15 12.31
N ASN D 212 -3.84 -26.24 11.56
CA ASN D 212 -2.82 -26.33 10.52
C ASN D 212 -3.54 -26.17 9.20
N ILE D 213 -3.14 -25.14 8.47
CA ILE D 213 -3.79 -24.84 7.22
C ILE D 213 -2.77 -24.59 6.13
N GLY D 214 -3.09 -25.07 4.94
CA GLY D 214 -2.16 -24.88 3.85
C GLY D 214 -2.78 -24.42 2.57
N HIS D 215 -3.38 -25.36 1.85
CA HIS D 215 -3.96 -25.07 0.57
C HIS D 215 -4.74 -23.78 0.42
N ALA D 216 -5.72 -23.53 1.27
CA ALA D 216 -6.53 -22.33 1.12
C ALA D 216 -5.67 -21.09 1.16
N ILE D 217 -4.72 -21.06 2.08
CA ILE D 217 -3.86 -19.90 2.20
C ILE D 217 -3.03 -19.71 0.94
N ILE D 218 -2.38 -20.77 0.47
CA ILE D 218 -1.57 -20.64 -0.74
C ILE D 218 -2.43 -20.17 -1.93
N GLY D 219 -3.66 -20.67 -2.00
CA GLY D 219 -4.55 -20.30 -3.08
C GLY D 219 -4.93 -18.84 -3.02
N ARG D 220 -5.01 -18.30 -1.80
CA ARG D 220 -5.31 -16.87 -1.63
C ARG D 220 -4.05 -16.07 -1.98
N ALA D 221 -2.90 -16.62 -1.59
CA ALA D 221 -1.60 -15.99 -1.81
C ALA D 221 -1.27 -15.66 -3.27
N VAL D 222 -1.70 -16.51 -4.22
CA VAL D 222 -1.39 -16.23 -5.62
C VAL D 222 -2.08 -14.98 -6.07
N MET D 223 -3.15 -14.61 -5.39
CA MET D 223 -3.86 -13.40 -5.74
C MET D 223 -3.36 -12.19 -4.95
N THR D 224 -3.36 -12.30 -3.62
CA THR D 224 -3.00 -11.20 -2.72
C THR D 224 -1.57 -11.25 -2.18
N GLY D 225 -0.83 -12.32 -2.45
CA GLY D 225 0.50 -12.40 -1.86
C GLY D 225 0.35 -13.06 -0.49
N LEU D 226 1.32 -13.91 -0.16
CA LEU D 226 1.37 -14.66 1.07
C LEU D 226 1.17 -13.89 2.37
N LYS D 227 1.87 -12.76 2.53
CA LYS D 227 1.79 -11.99 3.75
C LYS D 227 0.37 -11.70 4.17
N ASP D 228 -0.42 -11.13 3.27
CA ASP D 228 -1.81 -10.81 3.58
C ASP D 228 -2.67 -12.03 3.75
N ALA D 229 -2.38 -13.09 3.00
CA ALA D 229 -3.18 -14.29 3.10
C ALA D 229 -3.00 -14.91 4.49
N VAL D 230 -1.78 -14.89 5.01
CA VAL D 230 -1.55 -15.44 6.33
C VAL D 230 -2.17 -14.53 7.41
N ALA D 231 -1.91 -13.22 7.36
CA ALA D 231 -2.43 -12.27 8.35
C ALA D 231 -3.95 -12.31 8.45
N GLU D 232 -4.60 -12.45 7.28
CA GLU D 232 -6.05 -12.53 7.19
C GLU D 232 -6.58 -13.76 7.92
N MET D 233 -5.94 -14.91 7.69
CA MET D 233 -6.36 -16.16 8.33
C MET D 233 -6.19 -16.05 9.85
N LYS D 234 -5.04 -15.55 10.30
CA LYS D 234 -4.82 -15.41 11.73
C LYS D 234 -5.89 -14.46 12.28
N ARG D 235 -6.15 -13.34 11.61
CA ARG D 235 -7.16 -12.40 12.08
C ARG D 235 -8.51 -13.08 12.25
N LEU D 236 -8.96 -13.84 11.24
CA LEU D 236 -10.25 -14.51 11.31
C LEU D 236 -10.31 -15.44 12.52
N MET D 237 -9.22 -16.18 12.75
CA MET D 237 -9.15 -17.11 13.86
C MET D 237 -9.32 -16.39 15.21
N LEU D 238 -8.55 -15.35 15.45
CA LEU D 238 -8.66 -14.59 16.69
C LEU D 238 -10.03 -13.96 16.82
N GLU D 239 -10.62 -13.52 15.71
CA GLU D 239 -11.95 -12.97 15.79
C GLU D 239 -12.91 -14.00 16.35
N ALA D 240 -12.79 -15.24 15.87
CA ALA D 240 -13.67 -16.30 16.32
C ALA D 240 -13.61 -16.56 17.83
N ARG D 241 -12.42 -16.54 18.40
CA ARG D 241 -12.28 -16.81 19.81
C ARG D 241 -12.52 -15.62 20.73
N GLY D 242 -12.89 -14.48 20.16
CA GLY D 242 -13.14 -13.32 20.98
C GLY D 242 -14.58 -12.82 20.88
O1 G3P E . -13.79 21.16 16.80
C1 G3P E . -13.18 21.24 17.86
C2 G3P E . -11.82 21.87 17.75
O2 G3P E . -11.69 23.08 18.53
C3 G3P E . -10.76 20.89 18.19
O1P G3P E . -9.53 21.65 18.12
O4P G3P E . -7.66 21.29 17.07
O2P G3P E . -8.44 19.34 18.31
O3P G3P E . -7.40 21.39 19.28
P G3P E . -8.27 20.85 18.19
O1 G3P F . 30.88 -4.44 -2.56
C1 G3P F . 30.01 -4.49 -1.67
C2 G3P F . 30.04 -3.60 -0.44
O2 G3P F . 31.38 -3.46 0.08
C3 G3P F . 29.40 -2.21 -0.69
O1P G3P F . 29.55 -1.48 0.55
O4P G3P F . 28.16 -0.67 1.95
O2P G3P F . 27.74 0.09 -0.30
O3P G3P F . 29.50 0.95 1.21
P G3P F . 28.71 -0.25 0.81
O1 G3P G . -15.16 13.50 -23.05
C1 G3P G . -14.75 12.43 -23.50
C2 G3P G . -15.56 11.29 -22.99
O2 G3P G . -16.87 11.25 -23.62
C3 G3P G . -14.93 9.95 -23.25
O1P G3P G . -15.71 8.97 -22.58
O4P G3P G . -14.56 7.33 -21.70
O2P G3P G . -14.17 7.56 -24.04
O3P G3P G . -16.27 6.62 -23.13
P G3P G . -15.16 7.62 -22.90
O1 G3P H . -17.89 12.21 -24.16
C1 G3P H . -18.62 11.25 -23.82
C2 G3P H . -19.58 11.33 -22.67
O2 G3P H . -20.60 12.34 -22.94
C3 G3P H . -20.16 9.93 -22.57
O1P G3P H . -21.12 10.20 -21.58
O4P G3P H . -22.06 9.02 -20.01
O2P G3P H . -21.81 7.74 -22.03
O3P G3P H . -23.45 9.53 -21.76
P G3P H . -22.07 9.06 -21.35
O1 G3P I . -2.04 -29.85 8.46
C1 G3P I . -1.55 -29.42 7.40
C2 G3P I . -2.12 -29.76 6.04
O2 G3P I . -2.67 -31.12 5.98
C3 G3P I . -3.24 -28.76 5.74
O1P G3P I . -3.78 -29.03 4.43
O4P G3P I . -4.14 -27.69 2.75
O2P G3P I . -5.18 -26.88 4.75
O3P G3P I . -5.99 -28.77 3.36
P G3P I . -4.77 -28.04 3.88
#